data_5UM0
#
_entry.id   5UM0
#
_cell.length_a   71.580
_cell.length_b   73.030
_cell.length_c   96.930
_cell.angle_alpha   90.000
_cell.angle_beta   97.600
_cell.angle_gamma   90.000
#
_symmetry.space_group_name_H-M   'P 1 21 1'
#
loop_
_entity.id
_entity.type
_entity.pdbx_description
1 polymer '2,3-bisphosphoglycerate-dependent phosphoglycerate mutase'
2 non-polymer 'L(+)-TARTARIC ACID'
3 water water
#
_entity_poly.entity_id   1
_entity_poly.type   'polypeptide(L)'
_entity_poly.pdbx_seq_one_letter_code
;MAHHHHHHMELVFIRHGQSEWNAKNLFTGWRDVKLSEQGLAEAAAAGKKLKENGYEFDIAFTSVLTRAIKTCNIVLEESD
QLFVPQIKTWRLNERHYGRLQGLDKKQTAEKYGDEQVRIWRRSYDTLPPLLDKDDAFSAHKDRRYAHLPADVVPDGENLK
VTLERVLPFWEDQIAPAILSGKRVLVAAHGNSLRALAKHIEGISDEDIMGLEIPTGQPLVYKLDDNLKVIEKFYL
;
_entity_poly.pdbx_strand_id   A,B,C,D
#
loop_
_chem_comp.id
_chem_comp.type
_chem_comp.name
_chem_comp.formula
TLA non-polymer 'L(+)-TARTARIC ACID' 'C4 H6 O6'
#
# COMPACT_ATOMS: atom_id res chain seq x y z
N HIS A 6 21.35 -21.59 -0.13
CA HIS A 6 20.66 -20.38 0.34
C HIS A 6 20.10 -20.62 1.73
N HIS A 7 20.95 -21.12 2.63
CA HIS A 7 20.48 -21.55 3.95
C HIS A 7 20.06 -20.37 4.83
N HIS A 8 20.67 -19.20 4.65
CA HIS A 8 20.35 -18.03 5.45
C HIS A 8 19.51 -17.04 4.64
N MET A 9 18.96 -16.05 5.35
CA MET A 9 18.32 -14.94 4.66
C MET A 9 19.36 -14.13 3.89
N GLU A 10 19.12 -13.97 2.60
CA GLU A 10 20.06 -13.34 1.70
C GLU A 10 19.46 -12.08 1.11
N LEU A 11 20.30 -11.06 1.00
CA LEU A 11 19.95 -9.76 0.42
C LEU A 11 20.93 -9.49 -0.71
N VAL A 12 20.41 -9.07 -1.88
CA VAL A 12 21.24 -8.90 -3.07
C VAL A 12 21.20 -7.44 -3.50
N PHE A 13 22.39 -6.86 -3.73
CA PHE A 13 22.55 -5.54 -4.31
C PHE A 13 23.12 -5.67 -5.72
N ILE A 14 22.73 -4.75 -6.61
CA ILE A 14 23.34 -4.66 -7.94
C ILE A 14 23.49 -3.20 -8.30
N ARG A 15 24.72 -2.78 -8.59
CA ARG A 15 24.98 -1.44 -9.10
C ARG A 15 24.86 -1.47 -10.62
N HIS A 16 24.20 -0.47 -11.20
CA HIS A 16 24.05 -0.47 -12.65
C HIS A 16 25.39 -0.27 -13.36
N GLY A 17 25.44 -0.72 -14.61
CA GLY A 17 26.63 -0.62 -15.44
C GLY A 17 26.76 0.73 -16.11
N GLN A 18 27.68 0.79 -17.06
CA GLN A 18 28.06 2.06 -17.69
C GLN A 18 26.86 2.76 -18.32
N SER A 19 26.77 4.06 -18.12
CA SER A 19 25.75 4.89 -18.76
C SER A 19 26.36 5.62 -19.95
N GLU A 20 25.48 6.19 -20.78
CA GLU A 20 25.97 6.98 -21.92
C GLU A 20 26.83 8.17 -21.46
N TRP A 21 26.53 8.73 -20.29
CA TRP A 21 27.34 9.85 -19.78
C TRP A 21 28.63 9.38 -19.10
N ASN A 22 28.66 8.17 -18.52
CA ASN A 22 29.96 7.60 -18.13
C ASN A 22 30.90 7.55 -19.33
N ALA A 23 30.39 7.06 -20.46
CA ALA A 23 31.22 6.94 -21.66
C ALA A 23 31.65 8.30 -22.16
N LYS A 24 30.82 9.32 -22.01
CA LYS A 24 31.17 10.68 -22.43
C LYS A 24 31.94 11.47 -21.37
N ASN A 25 32.17 10.88 -20.19
CA ASN A 25 32.94 11.52 -19.12
C ASN A 25 32.25 12.78 -18.59
N LEU A 26 30.94 12.70 -18.38
CA LEU A 26 30.16 13.80 -17.82
C LEU A 26 29.61 13.41 -16.45
N PHE A 27 29.66 14.33 -15.48
CA PHE A 27 28.98 14.12 -14.22
C PHE A 27 27.48 13.97 -14.46
N THR A 28 26.86 13.00 -13.80
CA THR A 28 25.47 12.67 -14.02
C THR A 28 24.57 13.04 -12.84
N GLY A 29 24.82 12.47 -11.66
CA GLY A 29 23.95 12.74 -10.53
C GLY A 29 22.50 12.34 -10.81
N TRP A 30 21.57 13.26 -10.56
CA TRP A 30 20.14 12.97 -10.78
C TRP A 30 19.68 13.13 -12.22
N ARG A 31 20.55 13.51 -13.15
CA ARG A 31 20.14 13.60 -14.55
C ARG A 31 19.78 12.20 -15.08
N ASP A 32 18.70 12.11 -15.86
CA ASP A 32 18.11 10.80 -16.15
C ASP A 32 18.66 10.24 -17.48
N VAL A 33 19.91 9.79 -17.44
CA VAL A 33 20.59 9.32 -18.64
C VAL A 33 20.40 7.81 -18.78
N LYS A 34 20.51 7.34 -20.02
CA LYS A 34 20.32 5.92 -20.31
C LYS A 34 21.61 5.12 -20.17
N LEU A 35 21.44 3.81 -20.04
CA LEU A 35 22.55 2.89 -20.06
C LEU A 35 23.19 2.85 -21.45
N SER A 36 24.50 2.65 -21.48
CA SER A 36 25.14 2.34 -22.75
C SER A 36 24.92 0.87 -23.10
N GLU A 37 25.28 0.49 -24.34
CA GLU A 37 25.20 -0.94 -24.68
C GLU A 37 26.02 -1.77 -23.71
N GLN A 38 27.20 -1.28 -23.33
CA GLN A 38 28.02 -1.98 -22.33
C GLN A 38 27.25 -2.17 -21.03
N GLY A 39 26.61 -1.11 -20.54
CA GLY A 39 25.82 -1.22 -19.32
C GLY A 39 24.65 -2.17 -19.45
N LEU A 40 24.03 -2.21 -20.63
CA LEU A 40 22.94 -3.16 -20.86
C LEU A 40 23.45 -4.60 -20.79
N ALA A 41 24.63 -4.85 -21.37
CA ALA A 41 25.24 -6.18 -21.32
C ALA A 41 25.58 -6.57 -19.88
N GLU A 42 26.02 -5.61 -19.08
CA GLU A 42 26.35 -5.91 -17.68
C GLU A 42 25.13 -6.37 -16.90
N ALA A 43 23.99 -5.69 -17.11
CA ALA A 43 22.75 -6.08 -16.45
C ALA A 43 22.35 -7.50 -16.84
N ALA A 44 22.46 -7.83 -18.13
CA ALA A 44 22.07 -9.16 -18.57
C ALA A 44 23.01 -10.23 -17.99
N ALA A 45 24.31 -9.97 -17.97
CA ALA A 45 25.26 -10.93 -17.39
C ALA A 45 24.99 -11.14 -15.90
N ALA A 46 24.64 -10.06 -15.19
CA ALA A 46 24.31 -10.19 -13.78
C ALA A 46 23.05 -11.02 -13.58
N GLY A 47 22.02 -10.77 -14.39
CA GLY A 47 20.81 -11.59 -14.30
C GLY A 47 21.09 -13.07 -14.55
N LYS A 48 21.90 -13.37 -15.57
CA LYS A 48 22.22 -14.78 -15.84
C LYS A 48 22.98 -15.43 -14.69
N LYS A 49 23.83 -14.66 -14.01
CA LYS A 49 24.59 -15.21 -12.89
C LYS A 49 23.65 -15.51 -11.71
N LEU A 50 22.71 -14.60 -11.45
CA LEU A 50 21.72 -14.86 -10.41
C LEU A 50 20.85 -16.06 -10.76
N LYS A 51 20.52 -16.21 -12.05
CA LYS A 51 19.77 -17.40 -12.46
C LYS A 51 20.57 -18.67 -12.23
N GLU A 52 21.82 -18.68 -12.68
CA GLU A 52 22.63 -19.90 -12.58
C GLU A 52 22.80 -20.34 -11.15
N ASN A 53 22.78 -19.39 -10.21
CA ASN A 53 23.01 -19.70 -8.80
C ASN A 53 21.72 -19.78 -8.00
N GLY A 54 20.56 -19.78 -8.67
CA GLY A 54 19.30 -20.05 -8.00
C GLY A 54 18.76 -18.93 -7.11
N TYR A 55 19.04 -17.67 -7.42
CA TYR A 55 18.57 -16.55 -6.59
C TYR A 55 17.16 -16.16 -7.01
N GLU A 56 16.20 -16.44 -6.14
CA GLU A 56 14.81 -16.05 -6.32
C GLU A 56 14.50 -14.84 -5.44
N PHE A 57 13.72 -13.89 -5.97
CA PHE A 57 13.35 -12.71 -5.22
C PHE A 57 11.84 -12.66 -5.00
N ASP A 58 11.45 -12.03 -3.88
CA ASP A 58 10.05 -11.75 -3.60
C ASP A 58 9.65 -10.30 -3.78
N ILE A 59 10.63 -9.38 -3.79
CA ILE A 59 10.37 -7.97 -4.00
C ILE A 59 11.65 -7.34 -4.51
N ALA A 60 11.52 -6.29 -5.33
CA ALA A 60 12.65 -5.58 -5.91
C ALA A 60 12.52 -4.08 -5.64
N PHE A 61 13.56 -3.47 -5.10
CA PHE A 61 13.59 -2.02 -4.87
C PHE A 61 14.57 -1.36 -5.82
N THR A 62 14.20 -0.21 -6.38
CA THR A 62 15.10 0.52 -7.27
C THR A 62 14.87 2.02 -7.08
N SER A 63 15.65 2.82 -7.79
CA SER A 63 15.52 4.28 -7.71
C SER A 63 14.45 4.71 -8.69
N VAL A 64 14.32 6.02 -8.94
CA VAL A 64 13.44 6.48 -9.99
C VAL A 64 14.24 6.96 -11.20
N LEU A 65 15.53 6.63 -11.27
CA LEU A 65 16.35 6.96 -12.44
C LEU A 65 16.32 5.77 -13.39
N THR A 66 16.12 6.07 -14.67
CA THR A 66 15.88 5.05 -15.68
C THR A 66 16.99 4.00 -15.75
N ARG A 67 18.25 4.43 -15.64
CA ARG A 67 19.35 3.47 -15.78
C ARG A 67 19.30 2.39 -14.70
N ALA A 68 18.80 2.72 -13.51
CA ALA A 68 18.70 1.71 -12.47
C ALA A 68 17.46 0.84 -12.66
N ILE A 69 16.32 1.45 -13.02
CA ILE A 69 15.09 0.69 -13.21
C ILE A 69 15.27 -0.32 -14.33
N LYS A 70 15.89 0.12 -15.42
CA LYS A 70 16.12 -0.78 -16.53
C LYS A 70 17.07 -1.91 -16.14
N THR A 71 18.11 -1.60 -15.35
CA THR A 71 18.97 -2.66 -14.83
C THR A 71 18.15 -3.65 -14.01
N CYS A 72 17.28 -3.14 -13.14
CA CYS A 72 16.44 -4.01 -12.33
C CYS A 72 15.57 -4.92 -13.20
N ASN A 73 14.93 -4.34 -14.22
CA ASN A 73 14.04 -5.12 -15.08
C ASN A 73 14.79 -6.18 -15.85
N ILE A 74 16.00 -5.87 -16.32
CA ILE A 74 16.77 -6.85 -17.09
C ILE A 74 17.21 -8.00 -16.18
N VAL A 75 17.69 -7.68 -14.98
CA VAL A 75 18.10 -8.71 -14.03
C VAL A 75 16.94 -9.65 -13.73
N LEU A 76 15.76 -9.09 -13.46
CA LEU A 76 14.58 -9.90 -13.21
C LEU A 76 14.21 -10.77 -14.40
N GLU A 77 14.17 -10.18 -15.60
CA GLU A 77 13.78 -10.95 -16.78
C GLU A 77 14.78 -12.08 -17.05
N GLU A 78 16.08 -11.78 -16.95
CA GLU A 78 17.10 -12.77 -17.28
C GLU A 78 17.16 -13.89 -16.25
N SER A 79 16.64 -13.67 -15.05
CA SER A 79 16.49 -14.75 -14.08
C SER A 79 15.04 -15.24 -13.97
N ASP A 80 14.23 -15.02 -15.01
CA ASP A 80 12.92 -15.67 -15.15
C ASP A 80 11.93 -15.24 -14.06
N GLN A 81 11.97 -13.99 -13.65
CA GLN A 81 11.09 -13.54 -12.57
C GLN A 81 10.70 -12.07 -12.77
N LEU A 82 10.32 -11.69 -14.00
CA LEU A 82 9.87 -10.33 -14.25
C LEU A 82 8.56 -10.01 -13.53
N PHE A 83 7.84 -11.02 -13.03
CA PHE A 83 6.61 -10.82 -12.25
C PHE A 83 6.87 -10.24 -10.86
N VAL A 84 8.12 -10.16 -10.41
CA VAL A 84 8.38 -9.78 -9.02
C VAL A 84 7.94 -8.34 -8.80
N PRO A 85 7.24 -8.04 -7.71
CA PRO A 85 6.77 -6.67 -7.49
C PRO A 85 7.94 -5.71 -7.34
N GLN A 86 7.76 -4.50 -7.86
CA GLN A 86 8.85 -3.53 -7.96
C GLN A 86 8.42 -2.20 -7.36
N ILE A 87 9.24 -1.67 -6.45
CA ILE A 87 9.01 -0.37 -5.83
C ILE A 87 10.16 0.55 -6.24
N LYS A 88 9.80 1.72 -6.77
CA LYS A 88 10.77 2.71 -7.24
C LYS A 88 10.73 3.89 -6.27
N THR A 89 11.91 4.35 -5.81
CA THR A 89 11.90 5.43 -4.84
C THR A 89 13.02 6.41 -5.10
N TRP A 90 12.71 7.71 -4.97
CA TRP A 90 13.76 8.73 -5.06
C TRP A 90 14.83 8.52 -3.99
N ARG A 91 14.50 7.88 -2.88
CA ARG A 91 15.46 7.72 -1.80
C ARG A 91 16.64 6.83 -2.19
N LEU A 92 16.52 6.04 -3.25
CA LEU A 92 17.64 5.24 -3.73
C LEU A 92 18.38 5.88 -4.90
N ASN A 93 18.04 7.12 -5.27
CA ASN A 93 18.75 7.80 -6.34
C ASN A 93 20.24 7.92 -6.03
N GLU A 94 21.01 8.04 -7.10
CA GLU A 94 22.41 8.46 -7.05
C GLU A 94 22.51 9.77 -6.29
N ARG A 95 23.68 10.10 -5.75
CA ARG A 95 23.84 11.42 -5.16
C ARG A 95 23.59 12.50 -6.21
N HIS A 96 22.99 13.60 -5.78
CA HIS A 96 22.87 14.77 -6.63
C HIS A 96 24.22 15.48 -6.76
N TYR A 97 24.66 15.72 -7.99
CA TYR A 97 25.98 16.30 -8.24
C TYR A 97 25.96 17.84 -8.34
N GLY A 98 24.83 18.46 -8.01
CA GLY A 98 24.82 19.91 -8.02
C GLY A 98 25.04 20.47 -9.41
N ARG A 99 25.67 21.66 -9.45
CA ARG A 99 25.97 22.36 -10.70
C ARG A 99 26.93 21.58 -11.59
N LEU A 100 27.62 20.59 -11.03
CA LEU A 100 28.53 19.77 -11.82
C LEU A 100 27.80 18.86 -12.79
N GLN A 101 26.50 18.61 -12.55
CA GLN A 101 25.75 17.75 -13.46
C GLN A 101 25.80 18.30 -14.88
N GLY A 102 26.22 17.46 -15.82
CA GLY A 102 26.33 17.86 -17.21
C GLY A 102 27.69 18.36 -17.63
N LEU A 103 28.59 18.64 -16.69
CA LEU A 103 29.91 19.17 -17.03
C LEU A 103 30.87 18.02 -17.37
N ASP A 104 31.91 18.36 -18.12
CA ASP A 104 32.94 17.38 -18.45
C ASP A 104 33.89 17.20 -17.26
N LYS A 105 34.17 15.94 -16.92
CA LYS A 105 34.99 15.66 -15.74
C LYS A 105 36.44 16.05 -15.97
N LYS A 106 36.95 15.88 -17.19
CA LYS A 106 38.32 16.25 -17.49
C LYS A 106 38.49 17.77 -17.46
N GLN A 107 37.58 18.51 -18.08
CA GLN A 107 37.65 19.97 -18.05
C GLN A 107 37.47 20.51 -16.63
N THR A 108 36.65 19.84 -15.81
CA THR A 108 36.50 20.27 -14.43
C THR A 108 37.79 20.04 -13.65
N ALA A 109 38.45 18.90 -13.86
CA ALA A 109 39.76 18.68 -13.21
C ALA A 109 40.80 19.66 -13.72
N GLU A 110 40.72 20.06 -14.99
CA GLU A 110 41.66 21.06 -15.48
C GLU A 110 41.45 22.40 -14.81
N LYS A 111 40.19 22.81 -14.64
CA LYS A 111 39.89 24.13 -14.09
C LYS A 111 40.17 24.19 -12.59
N TYR A 112 39.87 23.12 -11.87
CA TYR A 112 39.87 23.13 -10.41
C TYR A 112 40.95 22.28 -9.76
N GLY A 113 41.57 21.38 -10.48
CA GLY A 113 42.56 20.52 -9.86
C GLY A 113 42.00 19.18 -9.43
N ASP A 114 42.88 18.16 -9.48
CA ASP A 114 42.51 16.80 -9.08
C ASP A 114 41.92 16.75 -7.68
N GLU A 115 42.59 17.37 -6.71
CA GLU A 115 42.18 17.17 -5.33
C GLU A 115 40.78 17.72 -5.09
N GLN A 116 40.46 18.88 -5.67
CA GLN A 116 39.13 19.43 -5.54
C GLN A 116 38.09 18.51 -6.17
N VAL A 117 38.45 17.90 -7.30
CA VAL A 117 37.54 16.98 -7.96
C VAL A 117 37.34 15.72 -7.13
N ARG A 118 38.41 15.22 -6.50
CA ARG A 118 38.26 14.07 -5.61
C ARG A 118 37.30 14.37 -4.46
N ILE A 119 37.37 15.59 -3.92
CA ILE A 119 36.47 15.96 -2.82
C ILE A 119 35.03 15.99 -3.30
N TRP A 120 34.79 16.55 -4.48
CA TRP A 120 33.42 16.56 -5.00
C TRP A 120 32.94 15.16 -5.32
N ARG A 121 33.84 14.28 -5.74
CA ARG A 121 33.45 12.92 -6.09
C ARG A 121 32.98 12.14 -4.86
N ARG A 122 33.65 12.33 -3.73
CA ARG A 122 33.30 11.58 -2.53
C ARG A 122 33.83 12.34 -1.32
N SER A 123 32.91 12.87 -0.52
CA SER A 123 33.25 13.57 0.71
C SER A 123 32.15 13.29 1.73
N TYR A 124 32.54 13.26 3.00
CA TYR A 124 31.56 13.13 4.06
C TYR A 124 31.29 14.47 4.74
N ASP A 125 31.78 15.57 4.18
CA ASP A 125 31.64 16.86 4.87
C ASP A 125 31.51 18.04 3.92
N THR A 126 31.73 17.82 2.62
CA THR A 126 31.77 18.91 1.65
C THR A 126 30.78 18.66 0.52
N LEU A 127 29.92 19.65 0.26
CA LEU A 127 28.96 19.53 -0.83
C LEU A 127 29.59 19.98 -2.14
N PRO A 128 29.08 19.47 -3.26
CA PRO A 128 29.41 20.04 -4.55
C PRO A 128 28.80 21.43 -4.68
N PRO A 129 29.24 22.22 -5.66
CA PRO A 129 28.58 23.51 -5.91
C PRO A 129 27.12 23.27 -6.24
N LEU A 130 26.25 24.10 -5.67
CA LEU A 130 24.82 23.81 -5.76
C LEU A 130 24.25 24.20 -7.12
N LEU A 131 23.21 23.48 -7.54
CA LEU A 131 22.51 23.78 -8.78
C LEU A 131 21.38 24.77 -8.49
N ASP A 132 21.33 25.87 -9.24
CA ASP A 132 20.30 26.87 -9.00
CA ASP A 132 20.30 26.87 -9.02
C ASP A 132 18.91 26.26 -9.14
N LYS A 133 18.01 26.67 -8.25
CA LYS A 133 16.69 26.05 -8.20
C LYS A 133 15.86 26.34 -9.45
N ASP A 134 16.17 27.40 -10.20
CA ASP A 134 15.44 27.72 -11.42
C ASP A 134 16.15 27.25 -12.69
N ASP A 135 17.25 26.51 -12.55
CA ASP A 135 17.94 26.00 -13.71
C ASP A 135 17.02 25.07 -14.52
N ALA A 136 17.21 25.09 -15.84
CA ALA A 136 16.40 24.25 -16.72
C ALA A 136 16.50 22.78 -16.35
N PHE A 137 17.63 22.36 -15.79
CA PHE A 137 17.84 20.96 -15.45
C PHE A 137 17.88 20.71 -13.95
N SER A 138 17.24 21.60 -13.18
CA SER A 138 17.03 21.36 -11.76
C SER A 138 16.03 20.23 -11.57
N ALA A 139 16.27 19.39 -10.56
CA ALA A 139 15.32 18.34 -10.26
C ALA A 139 13.96 18.88 -9.83
N HIS A 140 13.89 20.15 -9.39
CA HIS A 140 12.62 20.74 -9.01
C HIS A 140 11.64 20.79 -10.18
N LYS A 141 12.12 20.73 -11.42
CA LYS A 141 11.27 20.81 -12.61
C LYS A 141 10.86 19.45 -13.16
N ASP A 142 11.29 18.35 -12.54
CA ASP A 142 11.02 17.02 -13.06
C ASP A 142 9.76 16.48 -12.41
N ARG A 143 8.76 16.09 -13.22
CA ARG A 143 7.48 15.72 -12.64
C ARG A 143 7.55 14.45 -11.78
N ARG A 144 8.61 13.67 -11.89
CA ARG A 144 8.64 12.49 -11.04
C ARG A 144 8.85 12.85 -9.57
N TYR A 145 9.19 14.11 -9.24
CA TYR A 145 9.28 14.56 -7.85
C TYR A 145 8.12 15.48 -7.47
N ALA A 146 7.06 15.52 -8.28
CA ALA A 146 5.96 16.48 -8.06
C ALA A 146 5.19 16.23 -6.78
N HIS A 147 5.30 15.03 -6.19
CA HIS A 147 4.63 14.64 -4.97
CA HIS A 147 4.58 14.76 -4.96
C HIS A 147 5.47 14.87 -3.72
N LEU A 148 6.63 15.48 -3.87
CA LEU A 148 7.54 15.74 -2.77
C LEU A 148 7.54 17.22 -2.43
N PRO A 149 7.64 17.58 -1.15
CA PRO A 149 7.95 18.97 -0.82
C PRO A 149 9.23 19.40 -1.52
N ALA A 150 9.25 20.64 -2.01
CA ALA A 150 10.42 21.12 -2.74
C ALA A 150 11.69 21.10 -1.88
N ASP A 151 11.56 21.27 -0.56
CA ASP A 151 12.74 21.26 0.29
C ASP A 151 13.38 19.88 0.39
N VAL A 152 12.68 18.84 -0.04
CA VAL A 152 13.20 17.48 -0.06
C VAL A 152 14.02 17.20 -1.32
N VAL A 153 13.71 17.89 -2.41
CA VAL A 153 14.41 17.73 -3.69
C VAL A 153 15.75 18.45 -3.60
N PRO A 154 16.88 17.75 -3.71
CA PRO A 154 18.17 18.39 -3.44
C PRO A 154 18.68 19.26 -4.58
N ASP A 155 19.51 20.24 -4.20
CA ASP A 155 20.26 21.05 -5.15
C ASP A 155 21.71 20.61 -5.26
N GLY A 156 22.11 19.62 -4.48
CA GLY A 156 23.44 19.05 -4.47
C GLY A 156 23.62 18.24 -3.21
N GLU A 157 24.35 17.13 -3.27
CA GLU A 157 24.52 16.25 -2.12
C GLU A 157 25.94 15.69 -2.08
N ASN A 158 26.37 15.34 -0.88
CA ASN A 158 27.57 14.52 -0.69
C ASN A 158 27.13 13.16 -0.16
N LEU A 159 28.09 12.34 0.27
CA LEU A 159 27.75 10.98 0.69
C LEU A 159 26.99 10.97 2.01
N LYS A 160 27.34 11.87 2.93
CA LYS A 160 26.62 11.93 4.20
C LYS A 160 25.15 12.30 4.00
N VAL A 161 24.90 13.34 3.20
CA VAL A 161 23.54 13.79 2.93
C VAL A 161 22.77 12.71 2.18
N THR A 162 23.42 12.01 1.24
CA THR A 162 22.77 10.89 0.57
C THR A 162 22.36 9.82 1.57
N LEU A 163 23.28 9.45 2.46
CA LEU A 163 22.94 8.46 3.49
C LEU A 163 21.73 8.89 4.29
N GLU A 164 21.63 10.20 4.59
CA GLU A 164 20.56 10.63 5.47
C GLU A 164 19.19 10.48 4.81
N ARG A 165 19.11 10.53 3.48
CA ARG A 165 17.83 10.27 2.86
C ARG A 165 17.68 8.83 2.33
N VAL A 166 18.77 8.04 2.31
CA VAL A 166 18.64 6.61 1.99
C VAL A 166 18.14 5.83 3.21
N LEU A 167 18.70 6.13 4.38
CA LEU A 167 18.42 5.33 5.57
CA LEU A 167 18.41 5.35 5.58
C LEU A 167 16.93 5.18 5.90
N PRO A 168 16.07 6.22 5.82
CA PRO A 168 14.66 5.97 6.16
C PRO A 168 14.01 4.92 5.28
N PHE A 169 14.48 4.77 4.04
CA PHE A 169 13.91 3.75 3.18
C PHE A 169 14.32 2.36 3.61
N TRP A 170 15.55 2.22 4.12
CA TRP A 170 15.93 0.98 4.76
C TRP A 170 15.05 0.71 5.98
N GLU A 171 14.80 1.74 6.80
CA GLU A 171 14.06 1.54 8.04
C GLU A 171 12.59 1.23 7.77
N ASP A 172 12.01 1.82 6.74
CA ASP A 172 10.57 1.71 6.50
C ASP A 172 10.20 0.59 5.54
N GLN A 173 11.08 0.24 4.60
CA GLN A 173 10.69 -0.65 3.51
CA GLN A 173 10.68 -0.66 3.53
C GLN A 173 11.61 -1.86 3.39
N ILE A 174 12.92 -1.66 3.25
CA ILE A 174 13.81 -2.80 2.96
C ILE A 174 13.92 -3.70 4.17
N ALA A 175 14.33 -3.15 5.32
CA ALA A 175 14.50 -4.01 6.49
C ALA A 175 13.20 -4.68 6.92
N PRO A 176 12.03 -4.01 6.97
CA PRO A 176 10.80 -4.75 7.27
C PRO A 176 10.53 -5.89 6.30
N ALA A 177 10.84 -5.70 5.01
CA ALA A 177 10.65 -6.76 4.04
C ALA A 177 11.51 -7.97 4.39
N ILE A 178 12.78 -7.74 4.71
CA ILE A 178 13.65 -8.85 5.08
C ILE A 178 13.13 -9.51 6.34
N LEU A 179 12.72 -8.71 7.33
CA LEU A 179 12.27 -9.29 8.59
C LEU A 179 10.97 -10.08 8.41
N SER A 180 10.18 -9.73 7.40
CA SER A 180 8.98 -10.48 7.08
CA SER A 180 8.98 -10.48 7.08
C SER A 180 9.26 -11.77 6.31
N GLY A 181 10.52 -12.04 5.98
CA GLY A 181 10.87 -13.22 5.22
C GLY A 181 11.02 -13.02 3.72
N LYS A 182 10.99 -11.79 3.23
CA LYS A 182 11.10 -11.59 1.79
C LYS A 182 12.56 -11.57 1.33
N ARG A 183 12.83 -12.23 0.21
CA ARG A 183 14.12 -12.20 -0.47
C ARG A 183 14.15 -10.95 -1.34
N VAL A 184 15.03 -10.01 -0.98
CA VAL A 184 15.03 -8.66 -1.54
C VAL A 184 16.15 -8.51 -2.56
N LEU A 185 15.82 -7.87 -3.67
CA LEU A 185 16.79 -7.34 -4.62
C LEU A 185 16.77 -5.81 -4.53
N VAL A 186 17.94 -5.18 -4.37
CA VAL A 186 18.06 -3.72 -4.49
C VAL A 186 18.94 -3.40 -5.70
N ALA A 187 18.35 -2.72 -6.68
CA ALA A 187 19.08 -2.32 -7.89
C ALA A 187 19.20 -0.81 -7.89
N ALA A 188 20.40 -0.30 -7.65
CA ALA A 188 20.52 1.15 -7.50
C ALA A 188 21.87 1.67 -7.96
N HIS A 189 22.47 2.59 -7.20
CA HIS A 189 23.61 3.37 -7.67
C HIS A 189 24.75 3.26 -6.69
N GLY A 190 25.94 3.67 -7.14
CA GLY A 190 27.13 3.55 -6.30
C GLY A 190 26.95 4.16 -4.93
N ASN A 191 26.54 5.43 -4.88
CA ASN A 191 26.49 6.12 -3.59
C ASN A 191 25.33 5.66 -2.72
N SER A 192 24.16 5.37 -3.31
CA SER A 192 23.08 4.90 -2.46
C SER A 192 23.35 3.48 -1.93
N LEU A 193 23.99 2.61 -2.72
CA LEU A 193 24.37 1.29 -2.22
C LEU A 193 25.48 1.40 -1.18
N ARG A 194 26.42 2.31 -1.40
CA ARG A 194 27.49 2.50 -0.42
C ARG A 194 26.91 2.99 0.90
N ALA A 195 25.87 3.83 0.83
CA ALA A 195 25.17 4.30 2.03
C ALA A 195 24.52 3.14 2.78
N LEU A 196 23.78 2.27 2.07
CA LEU A 196 23.20 1.09 2.73
C LEU A 196 24.27 0.21 3.36
N ALA A 197 25.33 -0.08 2.62
CA ALA A 197 26.40 -0.92 3.15
C ALA A 197 27.01 -0.32 4.40
N LYS A 198 27.17 1.00 4.43
CA LYS A 198 27.72 1.63 5.64
C LYS A 198 26.87 1.29 6.84
N HIS A 199 25.54 1.40 6.69
CA HIS A 199 24.63 1.11 7.79
C HIS A 199 24.57 -0.38 8.09
N ILE A 200 24.46 -1.21 7.06
CA ILE A 200 24.32 -2.65 7.28
C ILE A 200 25.57 -3.22 7.93
N GLU A 201 26.73 -2.79 7.48
CA GLU A 201 27.98 -3.34 7.99
C GLU A 201 28.54 -2.57 9.18
N GLY A 202 27.90 -1.47 9.59
CA GLY A 202 28.44 -0.70 10.70
C GLY A 202 29.80 -0.07 10.44
N ILE A 203 29.99 0.51 9.26
CA ILE A 203 31.26 1.08 8.82
C ILE A 203 31.36 2.52 9.30
N SER A 204 32.55 2.91 9.77
CA SER A 204 32.77 4.25 10.29
C SER A 204 32.76 5.30 9.17
N ASP A 205 32.60 6.56 9.56
CA ASP A 205 32.63 7.66 8.59
C ASP A 205 33.97 7.73 7.87
N GLU A 206 35.07 7.41 8.57
CA GLU A 206 36.38 7.36 7.93
C GLU A 206 36.43 6.23 6.90
N ASP A 207 36.01 5.02 7.31
CA ASP A 207 36.29 3.84 6.49
C ASP A 207 35.37 3.72 5.29
N ILE A 208 34.19 4.34 5.33
CA ILE A 208 33.28 4.21 4.20
C ILE A 208 33.83 4.93 2.97
N MET A 209 34.78 5.84 3.15
CA MET A 209 35.34 6.56 2.02
C MET A 209 36.11 5.63 1.08
N GLY A 210 36.58 4.48 1.58
CA GLY A 210 37.28 3.51 0.76
C GLY A 210 36.45 2.33 0.29
N LEU A 211 35.15 2.30 0.56
CA LEU A 211 34.32 1.18 0.16
C LEU A 211 34.00 1.30 -1.32
N GLU A 212 34.43 0.33 -2.11
CA GLU A 212 34.15 0.35 -3.54
C GLU A 212 33.14 -0.73 -3.87
N ILE A 213 32.25 -0.43 -4.80
CA ILE A 213 31.21 -1.36 -5.24
C ILE A 213 31.28 -1.41 -6.76
N PRO A 214 31.77 -2.50 -7.36
CA PRO A 214 31.97 -2.52 -8.80
C PRO A 214 30.63 -2.61 -9.51
N THR A 215 30.57 -2.02 -10.71
CA THR A 215 29.35 -2.06 -11.51
C THR A 215 29.04 -3.48 -11.96
N GLY A 216 27.76 -3.81 -12.02
CA GLY A 216 27.31 -5.04 -12.65
C GLY A 216 27.65 -6.34 -11.97
N GLN A 217 28.10 -6.31 -10.73
CA GLN A 217 28.46 -7.53 -10.02
CA GLN A 217 28.47 -7.53 -10.02
C GLN A 217 27.50 -7.73 -8.86
N PRO A 218 26.67 -8.76 -8.89
CA PRO A 218 25.73 -8.96 -7.77
C PRO A 218 26.49 -9.12 -6.46
N LEU A 219 26.03 -8.39 -5.44
CA LEU A 219 26.61 -8.41 -4.10
C LEU A 219 25.60 -9.08 -3.18
N VAL A 220 26.04 -10.11 -2.45
CA VAL A 220 25.16 -10.91 -1.61
C VAL A 220 25.54 -10.72 -0.14
N TYR A 221 24.55 -10.36 0.68
CA TYR A 221 24.69 -10.40 2.13
C TYR A 221 23.89 -11.59 2.67
N LYS A 222 24.53 -12.41 3.51
CA LYS A 222 23.83 -13.40 4.33
C LYS A 222 23.60 -12.77 5.69
N LEU A 223 22.34 -12.60 6.08
CA LEU A 223 21.98 -11.90 7.30
C LEU A 223 21.37 -12.87 8.30
N ASP A 224 21.58 -12.60 9.57
CA ASP A 224 20.92 -13.40 10.60
C ASP A 224 19.59 -12.77 10.97
N ASP A 225 18.94 -13.37 11.97
CA ASP A 225 17.59 -12.97 12.37
C ASP A 225 17.51 -11.51 12.80
N ASN A 226 18.63 -10.93 13.23
CA ASN A 226 18.66 -9.54 13.64
C ASN A 226 19.32 -8.64 12.59
N LEU A 227 19.48 -9.15 11.38
CA LEU A 227 20.02 -8.42 10.23
C LEU A 227 21.50 -8.12 10.37
N LYS A 228 22.21 -8.83 11.23
CA LYS A 228 23.66 -8.71 11.27
C LYS A 228 24.29 -9.52 10.15
N VAL A 229 25.40 -9.01 9.62
CA VAL A 229 26.04 -9.66 8.48
C VAL A 229 26.75 -10.93 8.96
N ILE A 230 26.35 -12.06 8.40
CA ILE A 230 27.06 -13.33 8.62
C ILE A 230 28.19 -13.47 7.62
N GLU A 231 27.88 -13.17 6.35
CA GLU A 231 28.81 -13.32 5.24
C GLU A 231 28.44 -12.30 4.19
N LYS A 232 29.46 -11.80 3.48
CA LYS A 232 29.27 -10.89 2.36
C LYS A 232 30.15 -11.35 1.21
N PHE A 233 29.58 -11.51 0.01
CA PHE A 233 30.41 -11.93 -1.12
C PHE A 233 29.81 -11.47 -2.43
N TYR A 234 30.68 -11.33 -3.44
CA TYR A 234 30.23 -11.05 -4.79
C TYR A 234 30.07 -12.35 -5.55
N LEU A 235 28.99 -12.44 -6.31
CA LEU A 235 28.68 -13.61 -7.11
C LEU A 235 29.65 -13.78 -8.28
N HIS B 6 -3.69 17.63 -21.46
CA HIS B 6 -4.76 17.37 -22.41
C HIS B 6 -6.07 18.00 -21.95
N HIS B 7 -7.17 17.62 -22.60
CA HIS B 7 -8.46 18.28 -22.37
C HIS B 7 -9.26 17.61 -21.25
N HIS B 8 -9.41 16.29 -21.31
CA HIS B 8 -10.20 15.58 -20.30
C HIS B 8 -9.38 14.44 -19.67
N MET B 9 -10.04 13.62 -18.85
CA MET B 9 -9.38 12.50 -18.20
C MET B 9 -9.30 11.32 -19.17
N GLU B 10 -8.09 10.87 -19.46
CA GLU B 10 -7.87 9.85 -20.46
C GLU B 10 -7.34 8.58 -19.82
N LEU B 11 -7.76 7.45 -20.37
CA LEU B 11 -7.34 6.12 -19.94
C LEU B 11 -6.80 5.39 -21.17
N VAL B 12 -5.61 4.80 -21.07
CA VAL B 12 -4.96 4.19 -22.24
C VAL B 12 -4.79 2.70 -21.99
N PHE B 13 -5.23 1.89 -22.95
CA PHE B 13 -4.98 0.44 -22.96
C PHE B 13 -3.94 0.12 -24.05
N ILE B 14 -3.13 -0.90 -23.80
CA ILE B 14 -2.27 -1.45 -24.85
C ILE B 14 -2.25 -2.97 -24.74
N ARG B 15 -2.63 -3.65 -25.81
CA ARG B 15 -2.48 -5.09 -25.88
C ARG B 15 -1.08 -5.42 -26.37
N HIS B 16 -0.40 -6.38 -25.71
CA HIS B 16 0.96 -6.73 -26.12
C HIS B 16 0.97 -7.26 -27.55
N GLY B 17 2.12 -7.16 -28.20
CA GLY B 17 2.28 -7.62 -29.55
C GLY B 17 2.54 -9.11 -29.64
N GLN B 18 2.97 -9.51 -30.84
CA GLN B 18 3.14 -10.92 -31.14
C GLN B 18 4.07 -11.60 -30.15
N SER B 19 3.67 -12.78 -29.69
CA SER B 19 4.51 -13.64 -28.87
C SER B 19 5.18 -14.70 -29.75
N GLU B 20 6.15 -15.39 -29.17
CA GLU B 20 6.81 -16.48 -29.89
C GLU B 20 5.86 -17.62 -30.21
N TRP B 21 4.74 -17.75 -29.50
CA TRP B 21 3.82 -18.82 -29.82
C TRP B 21 2.83 -18.47 -30.92
N ASN B 22 2.72 -17.18 -31.29
CA ASN B 22 1.70 -16.80 -32.26
C ASN B 22 2.02 -17.36 -33.65
N ALA B 23 3.28 -17.28 -34.11
CA ALA B 23 3.58 -17.82 -35.43
C ALA B 23 3.51 -19.34 -35.45
N LYS B 24 3.74 -19.99 -34.30
CA LYS B 24 3.53 -21.42 -34.21
C LYS B 24 2.07 -21.76 -34.10
N ASN B 25 1.19 -20.76 -33.96
CA ASN B 25 -0.25 -20.96 -33.86
C ASN B 25 -0.60 -21.84 -32.66
N LEU B 26 -0.05 -21.48 -31.50
CA LEU B 26 -0.28 -22.22 -30.26
C LEU B 26 -1.15 -21.41 -29.32
N PHE B 27 -2.18 -22.06 -28.77
CA PHE B 27 -2.94 -21.45 -27.67
C PHE B 27 -2.01 -21.19 -26.51
N THR B 28 -2.05 -19.97 -25.97
CA THR B 28 -1.10 -19.56 -24.94
C THR B 28 -1.73 -19.48 -23.56
N GLY B 29 -2.77 -18.66 -23.37
CA GLY B 29 -3.38 -18.57 -22.04
C GLY B 29 -2.39 -18.08 -20.99
N TRP B 30 -2.34 -18.77 -19.84
CA TRP B 30 -1.45 -18.43 -18.73
C TRP B 30 -0.01 -18.93 -18.89
N ARG B 31 0.31 -19.60 -20.00
CA ARG B 31 1.70 -19.99 -20.19
C ARG B 31 2.56 -18.74 -20.40
N ASP B 32 3.73 -18.71 -19.75
CA ASP B 32 4.48 -17.45 -19.66
C ASP B 32 5.47 -17.34 -20.83
N VAL B 33 4.90 -17.14 -22.02
CA VAL B 33 5.72 -17.12 -23.23
C VAL B 33 6.23 -15.70 -23.50
N LYS B 34 7.35 -15.62 -24.22
CA LYS B 34 8.02 -14.35 -24.48
CA LYS B 34 8.00 -14.34 -24.46
C LYS B 34 7.48 -13.67 -25.74
N LEU B 35 7.67 -12.36 -25.81
CA LEU B 35 7.43 -11.62 -27.06
C LEU B 35 8.39 -12.04 -28.15
N SER B 36 7.91 -12.08 -29.39
CA SER B 36 8.81 -12.22 -30.52
C SER B 36 9.53 -10.89 -30.79
N GLU B 37 10.53 -10.93 -31.67
CA GLU B 37 11.18 -9.68 -32.08
C GLU B 37 10.15 -8.71 -32.64
N GLN B 38 9.17 -9.23 -33.40
CA GLN B 38 8.09 -8.38 -33.89
C GLN B 38 7.28 -7.77 -32.75
N GLY B 39 6.98 -8.58 -31.73
CA GLY B 39 6.23 -8.06 -30.59
C GLY B 39 7.00 -7.00 -29.83
N LEU B 40 8.31 -7.15 -29.73
CA LEU B 40 9.14 -6.11 -29.11
C LEU B 40 9.10 -4.81 -29.90
N ALA B 41 9.14 -4.91 -31.23
CA ALA B 41 9.09 -3.71 -32.06
C ALA B 41 7.75 -3.01 -31.92
N GLU B 42 6.66 -3.79 -31.82
CA GLU B 42 5.35 -3.18 -31.68
C GLU B 42 5.25 -2.38 -30.40
N ALA B 43 5.82 -2.91 -29.30
CA ALA B 43 5.82 -2.16 -28.04
C ALA B 43 6.59 -0.85 -28.18
N ALA B 44 7.77 -0.90 -28.82
CA ALA B 44 8.56 0.32 -28.94
C ALA B 44 7.82 1.36 -29.77
N ALA B 45 7.17 0.93 -30.84
CA ALA B 45 6.45 1.87 -31.71
C ALA B 45 5.26 2.49 -30.99
N ALA B 46 4.56 1.71 -30.16
CA ALA B 46 3.45 2.24 -29.38
C ALA B 46 3.93 3.27 -28.37
N GLY B 47 5.05 3.01 -27.71
CA GLY B 47 5.59 4.00 -26.80
C GLY B 47 6.03 5.26 -27.52
N LYS B 48 6.66 5.10 -28.69
CA LYS B 48 7.01 6.25 -29.51
C LYS B 48 5.77 7.07 -29.86
N LYS B 49 4.68 6.38 -30.23
CA LYS B 49 3.46 7.09 -30.61
C LYS B 49 2.87 7.83 -29.41
N LEU B 50 2.87 7.20 -28.23
CA LEU B 50 2.37 7.86 -27.04
C LEU B 50 3.19 9.11 -26.70
N LYS B 51 4.51 9.01 -26.81
CA LYS B 51 5.37 10.17 -26.57
C LYS B 51 5.07 11.30 -27.55
N GLU B 52 4.96 10.97 -28.84
CA GLU B 52 4.72 12.00 -29.85
C GLU B 52 3.43 12.76 -29.59
N ASN B 53 2.42 12.10 -29.04
CA ASN B 53 1.12 12.71 -28.82
C ASN B 53 0.93 13.21 -27.39
N GLY B 54 2.00 13.26 -26.60
CA GLY B 54 1.98 13.89 -25.30
C GLY B 54 1.28 13.14 -24.19
N TYR B 55 1.29 11.81 -24.21
CA TYR B 55 0.60 11.02 -23.19
C TYR B 55 1.55 10.76 -22.02
N GLU B 56 1.26 11.37 -20.88
CA GLU B 56 1.98 11.14 -19.63
C GLU B 56 1.12 10.28 -18.72
N PHE B 57 1.76 9.39 -17.96
CA PHE B 57 1.05 8.52 -17.04
C PHE B 57 1.50 8.75 -15.60
N ASP B 58 0.57 8.51 -14.67
CA ASP B 58 0.86 8.54 -13.24
C ASP B 58 0.97 7.17 -12.63
N ILE B 59 0.38 6.15 -13.25
CA ILE B 59 0.41 4.80 -12.70
C ILE B 59 0.18 3.85 -13.86
N ALA B 60 0.78 2.66 -13.78
CA ALA B 60 0.63 1.67 -14.84
C ALA B 60 0.24 0.34 -14.22
N PHE B 61 -0.74 -0.31 -14.81
CA PHE B 61 -1.23 -1.62 -14.36
C PHE B 61 -0.92 -2.65 -15.43
N THR B 62 -0.45 -3.84 -15.03
CA THR B 62 -0.15 -4.90 -16.00
C THR B 62 -0.47 -6.24 -15.35
N SER B 63 -0.35 -7.31 -16.13
CA SER B 63 -0.58 -8.66 -15.62
C SER B 63 0.69 -9.15 -14.91
N VAL B 64 0.75 -10.43 -14.55
CA VAL B 64 1.99 -11.01 -14.05
C VAL B 64 2.61 -11.92 -15.11
N LEU B 65 2.21 -11.78 -16.36
CA LEU B 65 2.80 -12.54 -17.46
C LEU B 65 3.86 -11.68 -18.14
N THR B 66 5.04 -12.26 -18.34
CA THR B 66 6.21 -11.54 -18.83
C THR B 66 5.95 -10.75 -20.13
N ARG B 67 5.18 -11.31 -21.06
CA ARG B 67 4.96 -10.60 -22.32
C ARG B 67 4.23 -9.28 -22.12
N ALA B 68 3.33 -9.20 -21.13
CA ALA B 68 2.64 -7.94 -20.88
C ALA B 68 3.51 -6.99 -20.06
N ILE B 69 4.24 -7.52 -19.07
CA ILE B 69 5.08 -6.65 -18.26
C ILE B 69 6.15 -6.02 -19.13
N LYS B 70 6.75 -6.82 -20.00
CA LYS B 70 7.80 -6.28 -20.84
C LYS B 70 7.25 -5.23 -21.80
N THR B 71 6.05 -5.48 -22.35
CA THR B 71 5.40 -4.47 -23.17
C THR B 71 5.21 -3.18 -22.37
N CYS B 72 4.74 -3.32 -21.13
CA CYS B 72 4.52 -2.14 -20.31
C CYS B 72 5.83 -1.38 -20.11
N ASN B 73 6.91 -2.08 -19.79
CA ASN B 73 8.18 -1.42 -19.54
C ASN B 73 8.72 -0.74 -20.79
N ILE B 74 8.60 -1.38 -21.95
CA ILE B 74 9.06 -0.76 -23.18
C ILE B 74 8.24 0.48 -23.50
N VAL B 75 6.93 0.41 -23.33
CA VAL B 75 6.09 1.57 -23.61
C VAL B 75 6.47 2.75 -22.71
N LEU B 76 6.69 2.47 -21.42
CA LEU B 76 7.12 3.54 -20.51
C LEU B 76 8.49 4.09 -20.88
N GLU B 77 9.45 3.21 -21.21
CA GLU B 77 10.81 3.66 -21.52
C GLU B 77 10.84 4.49 -22.81
N GLU B 78 10.18 4.02 -23.86
CA GLU B 78 10.17 4.79 -25.11
C GLU B 78 9.39 6.10 -25.02
N SER B 79 8.64 6.32 -23.95
CA SER B 79 8.00 7.62 -23.74
C SER B 79 8.60 8.34 -22.55
N ASP B 80 9.83 7.97 -22.17
CA ASP B 80 10.67 8.73 -21.22
C ASP B 80 10.07 8.77 -19.82
N GLN B 81 9.34 7.72 -19.43
CA GLN B 81 8.66 7.72 -18.14
C GLN B 81 8.74 6.34 -17.49
N LEU B 82 9.91 5.72 -17.53
CA LEU B 82 10.08 4.43 -16.86
C LEU B 82 9.98 4.54 -15.34
N PHE B 83 10.03 5.76 -14.79
CA PHE B 83 9.82 5.96 -13.37
C PHE B 83 8.38 5.72 -12.90
N VAL B 84 7.44 5.54 -13.81
CA VAL B 84 6.03 5.52 -13.41
C VAL B 84 5.76 4.28 -12.55
N PRO B 85 5.08 4.41 -11.41
CA PRO B 85 4.82 3.23 -10.55
C PRO B 85 4.06 2.17 -11.31
N GLN B 86 4.41 0.91 -11.06
CA GLN B 86 3.84 -0.20 -11.81
C GLN B 86 3.28 -1.26 -10.87
N ILE B 87 2.04 -1.67 -11.09
CA ILE B 87 1.38 -2.70 -10.29
C ILE B 87 1.08 -3.89 -11.21
N LYS B 88 1.50 -5.08 -10.80
CA LYS B 88 1.32 -6.30 -11.59
C LYS B 88 0.28 -7.17 -10.89
N THR B 89 -0.71 -7.67 -11.62
CA THR B 89 -1.76 -8.46 -10.98
C THR B 89 -2.16 -9.63 -11.84
N TRP B 90 -2.37 -10.79 -11.19
CA TRP B 90 -2.95 -11.92 -11.91
C TRP B 90 -4.31 -11.60 -12.51
N ARG B 91 -5.01 -10.60 -11.97
CA ARG B 91 -6.39 -10.35 -12.42
C ARG B 91 -6.42 -9.79 -13.84
N LEU B 92 -5.29 -9.32 -14.36
CA LEU B 92 -5.18 -8.88 -15.75
C LEU B 92 -4.57 -9.94 -16.66
N ASN B 93 -4.35 -11.15 -16.16
CA ASN B 93 -3.84 -12.22 -17.02
C ASN B 93 -4.77 -12.47 -18.21
N GLU B 94 -4.18 -13.00 -19.27
CA GLU B 94 -4.92 -13.54 -20.39
C GLU B 94 -5.90 -14.61 -19.89
N ARG B 95 -6.96 -14.85 -20.67
CA ARG B 95 -7.87 -15.96 -20.36
C ARG B 95 -7.10 -17.28 -20.35
N HIS B 96 -7.29 -18.07 -19.30
CA HIS B 96 -6.70 -19.42 -19.25
C HIS B 96 -7.38 -20.33 -20.28
N TYR B 97 -6.58 -20.99 -21.13
CA TYR B 97 -7.16 -21.81 -22.19
C TYR B 97 -7.23 -23.30 -21.84
N GLY B 98 -7.06 -23.65 -20.57
CA GLY B 98 -7.29 -25.02 -20.17
C GLY B 98 -6.29 -25.98 -20.82
N ARG B 99 -6.82 -27.12 -21.26
CA ARG B 99 -6.02 -28.17 -21.88
C ARG B 99 -5.54 -27.81 -23.27
N LEU B 100 -6.05 -26.73 -23.86
CA LEU B 100 -5.62 -26.32 -25.19
C LEU B 100 -4.30 -25.56 -25.16
N GLN B 101 -3.89 -25.06 -23.99
CA GLN B 101 -2.62 -24.35 -23.90
C GLN B 101 -1.47 -25.24 -24.38
N GLY B 102 -0.60 -24.68 -25.22
CA GLY B 102 0.54 -25.42 -25.73
C GLY B 102 0.25 -26.33 -26.90
N LEU B 103 -1.00 -26.39 -27.35
CA LEU B 103 -1.37 -27.23 -28.49
C LEU B 103 -1.58 -26.38 -29.73
N ASP B 104 -1.32 -26.99 -30.88
CA ASP B 104 -1.52 -26.33 -32.16
C ASP B 104 -3.01 -26.19 -32.45
N LYS B 105 -3.38 -25.10 -33.12
CA LYS B 105 -4.79 -24.90 -33.45
C LYS B 105 -5.27 -25.92 -34.48
N LYS B 106 -4.40 -26.39 -35.37
CA LYS B 106 -4.76 -27.46 -36.28
C LYS B 106 -4.85 -28.79 -35.55
N GLN B 107 -3.85 -29.10 -34.73
CA GLN B 107 -3.89 -30.30 -33.91
C GLN B 107 -5.06 -30.30 -32.94
N THR B 108 -5.60 -29.12 -32.62
CA THR B 108 -6.79 -29.05 -31.79
C THR B 108 -8.03 -29.44 -32.59
N ALA B 109 -8.10 -29.00 -33.85
CA ALA B 109 -9.20 -29.42 -34.71
C ALA B 109 -9.23 -30.93 -34.90
N GLU B 110 -8.06 -31.58 -34.86
CA GLU B 110 -8.02 -33.03 -35.06
C GLU B 110 -8.54 -33.79 -33.84
N LYS B 111 -8.24 -33.32 -32.64
CA LYS B 111 -8.65 -34.03 -31.43
C LYS B 111 -10.05 -33.68 -30.97
N TYR B 112 -10.62 -32.56 -31.41
CA TYR B 112 -11.93 -32.15 -30.96
C TYR B 112 -12.93 -31.84 -32.06
N GLY B 113 -12.51 -31.70 -33.30
CA GLY B 113 -13.42 -31.35 -34.37
C GLY B 113 -13.43 -29.86 -34.66
N ASP B 114 -13.76 -29.50 -35.91
CA ASP B 114 -13.66 -28.11 -36.32
C ASP B 114 -14.73 -27.24 -35.68
N GLU B 115 -15.96 -27.74 -35.57
CA GLU B 115 -17.04 -26.94 -35.00
C GLU B 115 -16.82 -26.68 -33.50
N GLN B 116 -16.37 -27.69 -32.77
CA GLN B 116 -16.19 -27.51 -31.33
C GLN B 116 -15.14 -26.45 -31.02
N VAL B 117 -14.18 -26.25 -31.93
CA VAL B 117 -13.14 -25.24 -31.69
C VAL B 117 -13.70 -23.83 -31.89
N ARG B 118 -14.56 -23.65 -32.89
CA ARG B 118 -15.21 -22.34 -33.08
C ARG B 118 -15.94 -21.90 -31.81
N ILE B 119 -16.71 -22.82 -31.21
CA ILE B 119 -17.45 -22.49 -29.98
C ILE B 119 -16.50 -22.02 -28.89
N TRP B 120 -15.42 -22.76 -28.66
CA TRP B 120 -14.47 -22.41 -27.61
C TRP B 120 -13.80 -21.06 -27.85
N ARG B 121 -13.78 -20.58 -29.09
CA ARG B 121 -13.19 -19.29 -29.42
C ARG B 121 -14.23 -18.22 -29.74
N ARG B 122 -15.52 -18.58 -29.82
CA ARG B 122 -16.55 -17.61 -30.14
C ARG B 122 -17.74 -17.62 -29.18
N SER B 123 -17.72 -18.44 -28.14
CA SER B 123 -18.78 -18.46 -27.16
C SER B 123 -18.35 -17.69 -25.93
N TYR B 124 -19.23 -16.79 -25.46
CA TYR B 124 -18.94 -16.02 -24.27
C TYR B 124 -18.81 -16.90 -23.04
N ASP B 125 -19.60 -17.98 -22.96
CA ASP B 125 -19.83 -18.67 -21.70
C ASP B 125 -19.59 -20.18 -21.76
N THR B 126 -18.77 -20.66 -22.69
CA THR B 126 -18.46 -22.09 -22.78
C THR B 126 -17.00 -22.29 -22.41
N LEU B 127 -16.77 -23.04 -21.33
CA LEU B 127 -15.40 -23.30 -20.89
C LEU B 127 -14.67 -24.22 -21.87
N PRO B 128 -13.36 -24.03 -22.03
CA PRO B 128 -12.55 -25.00 -22.75
C PRO B 128 -12.38 -26.25 -21.91
N PRO B 129 -11.85 -27.34 -22.47
CA PRO B 129 -11.55 -28.51 -21.64
C PRO B 129 -10.55 -28.11 -20.57
N LEU B 130 -10.83 -28.49 -19.32
CA LEU B 130 -10.02 -27.99 -18.21
C LEU B 130 -8.70 -28.74 -18.13
N LEU B 131 -7.66 -28.03 -17.68
CA LEU B 131 -6.35 -28.60 -17.48
C LEU B 131 -6.29 -29.25 -16.11
N ASP B 132 -5.83 -30.50 -16.04
CA ASP B 132 -5.76 -31.18 -14.75
C ASP B 132 -4.84 -30.43 -13.81
N LYS B 133 -5.24 -30.33 -12.54
CA LYS B 133 -4.53 -29.45 -11.62
C LYS B 133 -3.11 -29.91 -11.36
N ASP B 134 -2.81 -31.18 -11.63
CA ASP B 134 -1.48 -31.73 -11.45
C ASP B 134 -0.70 -31.86 -12.76
N ASP B 135 -1.23 -31.29 -13.84
CA ASP B 135 -0.53 -31.33 -15.13
C ASP B 135 0.83 -30.65 -15.02
N ALA B 136 1.79 -31.18 -15.77
CA ALA B 136 3.13 -30.58 -15.79
C ALA B 136 3.09 -29.09 -16.10
N PHE B 137 2.15 -28.67 -16.93
CA PHE B 137 2.08 -27.26 -17.33
C PHE B 137 0.88 -26.56 -16.69
N SER B 138 0.50 -27.00 -15.48
CA SER B 138 -0.51 -26.31 -14.69
C SER B 138 0.02 -25.03 -14.07
N ALA B 139 -0.85 -24.02 -13.99
CA ALA B 139 -0.42 -22.79 -13.33
C ALA B 139 -0.31 -22.95 -11.81
N HIS B 140 -0.87 -24.02 -11.25
CA HIS B 140 -0.81 -24.18 -9.80
C HIS B 140 0.61 -24.38 -9.29
N LYS B 141 1.53 -24.78 -10.16
CA LYS B 141 2.92 -25.02 -9.81
C LYS B 141 3.77 -23.75 -9.86
N ASP B 142 3.21 -22.63 -10.29
CA ASP B 142 4.01 -21.45 -10.56
C ASP B 142 4.11 -20.59 -9.32
N ARG B 143 5.34 -20.24 -8.93
CA ARG B 143 5.54 -19.54 -7.67
C ARG B 143 4.98 -18.12 -7.67
N ARG B 144 4.68 -17.56 -8.85
CA ARG B 144 4.11 -16.22 -8.84
C ARG B 144 2.70 -16.18 -8.28
N TYR B 145 2.03 -17.32 -8.13
CA TYR B 145 0.70 -17.39 -7.51
C TYR B 145 0.77 -17.99 -6.11
N ALA B 146 1.96 -18.13 -5.53
CA ALA B 146 2.08 -18.86 -4.27
C ALA B 146 1.48 -18.11 -3.10
N HIS B 147 1.32 -16.81 -3.21
CA HIS B 147 0.80 -15.96 -2.15
CA HIS B 147 0.79 -16.01 -2.12
C HIS B 147 -0.72 -15.83 -2.20
N LEU B 148 -1.39 -16.58 -3.07
CA LEU B 148 -2.82 -16.51 -3.33
C LEU B 148 -3.51 -17.83 -2.98
N PRO B 149 -4.77 -17.78 -2.56
CA PRO B 149 -5.51 -19.03 -2.34
C PRO B 149 -5.52 -19.82 -3.63
N ALA B 150 -5.41 -21.14 -3.51
CA ALA B 150 -5.21 -21.98 -4.68
C ALA B 150 -6.39 -21.89 -5.66
N ASP B 151 -7.60 -21.61 -5.17
CA ASP B 151 -8.76 -21.67 -6.04
C ASP B 151 -8.92 -20.44 -6.93
N VAL B 152 -8.09 -19.41 -6.79
CA VAL B 152 -8.14 -18.33 -7.77
C VAL B 152 -7.34 -18.66 -9.01
N VAL B 153 -6.43 -19.63 -8.94
CA VAL B 153 -5.69 -20.08 -10.11
C VAL B 153 -6.61 -21.01 -10.90
N PRO B 154 -6.97 -20.66 -12.13
CA PRO B 154 -7.97 -21.45 -12.86
C PRO B 154 -7.35 -22.64 -13.56
N ASP B 155 -8.21 -23.60 -13.91
CA ASP B 155 -7.85 -24.71 -14.78
C ASP B 155 -8.36 -24.50 -16.20
N GLY B 156 -9.01 -23.36 -16.46
CA GLY B 156 -9.46 -22.96 -17.77
C GLY B 156 -10.57 -21.95 -17.57
N GLU B 157 -10.76 -21.04 -18.52
CA GLU B 157 -11.70 -19.93 -18.39
C GLU B 157 -12.32 -19.65 -19.74
N ASN B 158 -13.50 -19.06 -19.72
CA ASN B 158 -14.09 -18.41 -20.88
C ASN B 158 -14.06 -16.90 -20.63
N LEU B 159 -14.63 -16.11 -21.54
CA LEU B 159 -14.55 -14.67 -21.38
C LEU B 159 -15.38 -14.22 -20.19
N LYS B 160 -16.54 -14.85 -19.97
CA LYS B 160 -17.39 -14.47 -18.85
C LYS B 160 -16.66 -14.63 -17.53
N VAL B 161 -15.97 -15.76 -17.34
CA VAL B 161 -15.24 -16.00 -16.09
C VAL B 161 -14.03 -15.08 -16.01
N THR B 162 -13.36 -14.80 -17.14
CA THR B 162 -12.30 -13.81 -17.15
C THR B 162 -12.81 -12.47 -16.65
N LEU B 163 -13.97 -12.04 -17.14
CA LEU B 163 -14.51 -10.77 -16.71
C LEU B 163 -14.80 -10.77 -15.22
N GLU B 164 -15.26 -11.91 -14.69
CA GLU B 164 -15.57 -12.00 -13.27
C GLU B 164 -14.34 -11.78 -12.39
N ARG B 165 -13.15 -12.14 -12.86
CA ARG B 165 -11.97 -11.88 -12.03
C ARG B 165 -11.20 -10.64 -12.46
N VAL B 166 -11.48 -10.09 -13.64
CA VAL B 166 -10.90 -8.80 -14.01
C VAL B 166 -11.62 -7.65 -13.31
N LEU B 167 -12.95 -7.73 -13.24
CA LEU B 167 -13.75 -6.58 -12.81
C LEU B 167 -13.40 -6.09 -11.39
N PRO B 168 -13.16 -6.95 -10.39
CA PRO B 168 -12.78 -6.40 -9.08
C PRO B 168 -11.52 -5.52 -9.15
N PHE B 169 -10.61 -5.78 -10.09
CA PHE B 169 -9.43 -4.94 -10.16
C PHE B 169 -9.80 -3.57 -10.74
N TRP B 170 -10.74 -3.52 -11.67
CA TRP B 170 -11.29 -2.24 -12.10
C TRP B 170 -11.89 -1.49 -10.92
N GLU B 171 -12.69 -2.19 -10.11
CA GLU B 171 -13.41 -1.57 -9.00
C GLU B 171 -12.48 -1.13 -7.87
N ASP B 172 -11.40 -1.88 -7.63
CA ASP B 172 -10.56 -1.62 -6.48
C ASP B 172 -9.36 -0.74 -6.81
N GLN B 173 -8.81 -0.85 -8.02
CA GLN B 173 -7.54 -0.21 -8.35
CA GLN B 173 -7.55 -0.18 -8.34
C GLN B 173 -7.66 0.77 -9.51
N ILE B 174 -8.17 0.32 -10.66
CA ILE B 174 -8.11 1.15 -11.86
C ILE B 174 -9.06 2.35 -11.75
N ALA B 175 -10.34 2.09 -11.45
CA ALA B 175 -11.31 3.18 -11.44
C ALA B 175 -11.02 4.15 -10.30
N PRO B 176 -10.69 3.69 -9.09
CA PRO B 176 -10.33 4.66 -8.05
C PRO B 176 -9.13 5.52 -8.43
N ALA B 177 -8.15 4.96 -9.18
CA ALA B 177 -7.03 5.78 -9.64
C ALA B 177 -7.50 6.89 -10.58
N ILE B 178 -8.35 6.55 -11.55
CA ILE B 178 -8.88 7.55 -12.48
C ILE B 178 -9.67 8.60 -11.73
N LEU B 179 -10.50 8.16 -10.78
CA LEU B 179 -11.35 9.07 -10.02
C LEU B 179 -10.54 9.99 -9.12
N SER B 180 -9.33 9.59 -8.74
CA SER B 180 -8.43 10.43 -7.97
C SER B 180 -7.61 11.35 -8.87
N GLY B 181 -7.76 11.27 -10.18
CA GLY B 181 -7.06 12.16 -11.07
C GLY B 181 -5.82 11.59 -11.71
N LYS B 182 -5.56 10.30 -11.54
CA LYS B 182 -4.37 9.69 -12.12
C LYS B 182 -4.60 9.36 -13.59
N ARG B 183 -3.55 9.58 -14.40
CA ARG B 183 -3.55 9.19 -15.79
C ARG B 183 -3.03 7.77 -15.87
N VAL B 184 -3.92 6.83 -16.26
CA VAL B 184 -3.68 5.39 -16.10
C VAL B 184 -3.28 4.78 -17.44
N LEU B 185 -2.27 3.91 -17.40
CA LEU B 185 -1.97 2.98 -18.49
C LEU B 185 -2.28 1.56 -18.03
N VAL B 186 -2.91 0.77 -18.90
CA VAL B 186 -3.14 -0.66 -18.66
C VAL B 186 -2.50 -1.41 -19.81
N ALA B 187 -1.48 -2.21 -19.50
CA ALA B 187 -0.81 -3.03 -20.50
C ALA B 187 -1.12 -4.49 -20.19
N ALA B 188 -1.95 -5.12 -21.04
CA ALA B 188 -2.39 -6.46 -20.72
C ALA B 188 -2.61 -7.30 -21.98
N HIS B 189 -3.67 -8.09 -21.98
CA HIS B 189 -3.88 -9.14 -22.98
C HIS B 189 -5.22 -8.93 -23.68
N GLY B 190 -5.39 -9.61 -24.81
CA GLY B 190 -6.62 -9.52 -25.59
C GLY B 190 -7.88 -9.67 -24.76
N ASN B 191 -8.01 -10.78 -24.04
CA ASN B 191 -9.28 -11.08 -23.37
C ASN B 191 -9.48 -10.27 -22.10
N SER B 192 -8.42 -9.94 -21.36
CA SER B 192 -8.62 -9.10 -20.17
C SER B 192 -8.93 -7.67 -20.56
N LEU B 193 -8.31 -7.16 -21.62
CA LEU B 193 -8.70 -5.83 -22.08
C LEU B 193 -10.11 -5.85 -22.68
N ARG B 194 -10.47 -6.93 -23.37
CA ARG B 194 -11.82 -7.04 -23.89
CA ARG B 194 -11.82 -7.07 -23.89
C ARG B 194 -12.84 -7.07 -22.75
N ALA B 195 -12.52 -7.75 -21.66
CA ALA B 195 -13.40 -7.76 -20.49
C ALA B 195 -13.60 -6.36 -19.95
N LEU B 196 -12.51 -5.62 -19.76
CA LEU B 196 -12.60 -4.22 -19.34
C LEU B 196 -13.46 -3.40 -20.30
N ALA B 197 -13.21 -3.55 -21.61
CA ALA B 197 -13.99 -2.79 -22.60
C ALA B 197 -15.47 -3.10 -22.51
N LYS B 198 -15.83 -4.36 -22.28
CA LYS B 198 -17.25 -4.72 -22.18
C LYS B 198 -17.92 -3.96 -21.06
N HIS B 199 -17.24 -3.85 -19.92
CA HIS B 199 -17.80 -3.17 -18.76
C HIS B 199 -17.82 -1.66 -18.97
N ILE B 200 -16.70 -1.10 -19.40
CA ILE B 200 -16.60 0.34 -19.58
C ILE B 200 -17.60 0.83 -20.63
N GLU B 201 -17.72 0.11 -21.74
CA GLU B 201 -18.57 0.52 -22.85
C GLU B 201 -19.98 -0.03 -22.78
N GLY B 202 -20.28 -0.92 -21.83
CA GLY B 202 -21.61 -1.49 -21.78
C GLY B 202 -22.00 -2.39 -22.94
N ILE B 203 -21.07 -3.23 -23.40
CA ILE B 203 -21.32 -4.11 -24.53
C ILE B 203 -22.03 -5.37 -24.06
N SER B 204 -22.99 -5.86 -24.86
CA SER B 204 -23.77 -7.02 -24.43
C SER B 204 -22.95 -8.31 -24.55
N ASP B 205 -23.45 -9.37 -23.89
CA ASP B 205 -22.85 -10.69 -24.04
C ASP B 205 -22.82 -11.12 -25.49
N GLU B 206 -23.85 -10.74 -26.25
CA GLU B 206 -23.96 -11.20 -27.64
C GLU B 206 -22.98 -10.48 -28.55
N ASP B 207 -22.60 -9.25 -28.22
CA ASP B 207 -21.75 -8.47 -29.12
C ASP B 207 -20.27 -8.49 -28.75
N ILE B 208 -19.93 -8.90 -27.53
CA ILE B 208 -18.55 -8.70 -27.06
C ILE B 208 -17.59 -9.67 -27.73
N MET B 209 -18.04 -10.87 -28.09
CA MET B 209 -17.09 -11.81 -28.68
C MET B 209 -16.60 -11.32 -30.04
N GLY B 210 -17.37 -10.46 -30.72
CA GLY B 210 -16.91 -9.86 -31.95
C GLY B 210 -16.01 -8.64 -31.82
N LEU B 211 -15.72 -8.18 -30.61
CA LEU B 211 -14.91 -7.00 -30.42
C LEU B 211 -13.44 -7.34 -30.62
N GLU B 212 -12.80 -6.65 -31.56
CA GLU B 212 -11.40 -6.88 -31.87
C GLU B 212 -10.56 -5.81 -31.18
N ILE B 213 -9.51 -6.25 -30.49
CA ILE B 213 -8.56 -5.30 -29.93
C ILE B 213 -7.22 -5.54 -30.61
N PRO B 214 -6.78 -4.66 -31.50
CA PRO B 214 -5.53 -4.90 -32.23
C PRO B 214 -4.35 -4.90 -31.29
N THR B 215 -3.30 -5.63 -31.68
CA THR B 215 -2.09 -5.67 -30.88
C THR B 215 -1.24 -4.44 -31.15
N GLY B 216 -0.49 -4.03 -30.13
CA GLY B 216 0.46 -2.93 -30.25
C GLY B 216 -0.15 -1.60 -30.62
N GLN B 217 -1.46 -1.43 -30.46
CA GLN B 217 -2.11 -0.18 -30.87
C GLN B 217 -2.71 0.49 -29.65
N PRO B 218 -2.18 1.63 -29.20
CA PRO B 218 -2.77 2.30 -28.03
C PRO B 218 -4.24 2.61 -28.26
N LEU B 219 -5.06 2.23 -27.29
CA LEU B 219 -6.49 2.50 -27.27
C LEU B 219 -6.75 3.55 -26.20
N VAL B 220 -7.42 4.63 -26.58
CA VAL B 220 -7.62 5.75 -25.66
C VAL B 220 -9.12 5.92 -25.38
N TYR B 221 -9.46 6.02 -24.10
CA TYR B 221 -10.80 6.41 -23.67
C TYR B 221 -10.73 7.80 -23.08
N LYS B 222 -11.60 8.70 -23.56
CA LYS B 222 -11.90 9.93 -22.86
C LYS B 222 -13.13 9.66 -21.99
N LEU B 223 -12.99 9.85 -20.69
CA LEU B 223 -14.06 9.56 -19.74
C LEU B 223 -14.51 10.84 -19.07
N ASP B 224 -15.79 10.88 -18.68
CA ASP B 224 -16.27 12.02 -17.91
C ASP B 224 -16.13 11.74 -16.42
N ASP B 225 -16.59 12.69 -15.60
CA ASP B 225 -16.40 12.59 -14.15
C ASP B 225 -17.03 11.32 -13.57
N ASN B 226 -18.06 10.80 -14.22
CA ASN B 226 -18.70 9.57 -13.79
C ASN B 226 -18.11 8.33 -14.44
N LEU B 227 -17.01 8.49 -15.17
CA LEU B 227 -16.36 7.43 -15.92
C LEU B 227 -17.22 6.94 -17.09
N LYS B 228 -18.16 7.76 -17.56
CA LYS B 228 -18.83 7.48 -18.82
C LYS B 228 -17.92 7.83 -19.98
N VAL B 229 -17.97 7.01 -21.02
CA VAL B 229 -17.14 7.23 -22.21
C VAL B 229 -17.63 8.46 -22.96
N ILE B 230 -16.73 9.42 -23.16
CA ILE B 230 -17.01 10.51 -24.10
C ILE B 230 -16.56 10.15 -25.50
N GLU B 231 -15.40 9.51 -25.62
CA GLU B 231 -14.85 9.11 -26.90
C GLU B 231 -13.92 7.93 -26.70
N LYS B 232 -13.85 7.08 -27.71
CA LYS B 232 -12.93 5.95 -27.75
C LYS B 232 -12.23 5.99 -29.11
N PHE B 233 -10.91 5.95 -29.12
CA PHE B 233 -10.23 6.01 -30.40
C PHE B 233 -8.88 5.30 -30.28
N TYR B 234 -8.44 4.72 -31.39
CA TYR B 234 -7.11 4.15 -31.46
C TYR B 234 -6.13 5.23 -31.89
N LEU B 235 -5.02 5.33 -31.18
CA LEU B 235 -4.05 6.38 -31.42
C LEU B 235 -3.36 6.18 -32.77
N HIS C 6 0.08 -19.87 20.23
CA HIS C 6 -0.92 -20.80 19.69
C HIS C 6 -0.29 -21.76 18.68
N HIS C 7 -0.73 -23.02 18.72
CA HIS C 7 -0.09 -24.09 17.97
C HIS C 7 -0.44 -24.10 16.49
N HIS C 8 -1.47 -23.35 16.06
CA HIS C 8 -1.92 -23.39 14.67
C HIS C 8 -2.33 -21.99 14.23
N MET C 9 -2.46 -21.84 12.92
CA MET C 9 -2.84 -20.55 12.32
C MET C 9 -4.35 -20.36 12.40
N GLU C 10 -4.78 -19.34 13.12
CA GLU C 10 -6.19 -19.17 13.42
C GLU C 10 -6.70 -17.88 12.81
N LEU C 11 -7.95 -17.92 12.36
CA LEU C 11 -8.66 -16.77 11.79
C LEU C 11 -9.85 -16.47 12.69
N VAL C 12 -9.99 -15.22 13.13
CA VAL C 12 -11.04 -14.85 14.08
C VAL C 12 -12.02 -13.89 13.43
N PHE C 13 -13.31 -14.22 13.54
CA PHE C 13 -14.42 -13.38 13.12
C PHE C 13 -15.12 -12.82 14.35
N ILE C 14 -15.56 -11.56 14.28
CA ILE C 14 -16.45 -11.03 15.31
C ILE C 14 -17.57 -10.24 14.62
N ARG C 15 -18.82 -10.67 14.85
CA ARG C 15 -19.98 -9.91 14.40
C ARG C 15 -20.34 -8.86 15.44
N HIS C 16 -20.64 -7.65 14.99
CA HIS C 16 -20.93 -6.58 15.93
C HIS C 16 -22.19 -6.89 16.72
N GLY C 17 -22.30 -6.28 17.90
CA GLY C 17 -23.43 -6.49 18.77
C GLY C 17 -24.64 -5.68 18.34
N GLN C 18 -25.65 -5.68 19.21
CA GLN C 18 -26.90 -5.01 18.91
C GLN C 18 -26.69 -3.54 18.60
N SER C 19 -27.35 -3.07 17.55
CA SER C 19 -27.37 -1.67 17.17
C SER C 19 -28.63 -1.00 17.70
N GLU C 20 -28.61 0.34 17.66
CA GLU C 20 -29.77 1.10 18.07
C GLU C 20 -30.98 0.85 17.17
N TRP C 21 -30.76 0.39 15.94
CA TRP C 21 -31.89 0.02 15.08
C TRP C 21 -32.37 -1.40 15.33
N ASN C 22 -31.47 -2.33 15.70
CA ASN C 22 -31.92 -3.65 16.10
C ASN C 22 -32.89 -3.57 17.26
N ALA C 23 -32.59 -2.73 18.26
CA ALA C 23 -33.48 -2.58 19.40
C ALA C 23 -34.86 -2.09 18.98
N LYS C 24 -34.90 -1.24 17.95
CA LYS C 24 -36.15 -0.64 17.51
C LYS C 24 -36.80 -1.39 16.35
N ASN C 25 -36.24 -2.53 15.96
CA ASN C 25 -36.85 -3.43 14.97
C ASN C 25 -36.92 -2.78 13.59
N LEU C 26 -35.81 -2.23 13.14
CA LEU C 26 -35.72 -1.60 11.83
C LEU C 26 -34.74 -2.34 10.94
N PHE C 27 -35.02 -2.38 9.63
CA PHE C 27 -34.02 -2.84 8.67
C PHE C 27 -32.90 -1.81 8.60
N THR C 28 -31.65 -2.27 8.64
CA THR C 28 -30.51 -1.36 8.68
C THR C 28 -29.75 -1.31 7.35
N GLY C 29 -29.21 -2.42 6.89
CA GLY C 29 -28.45 -2.41 5.66
C GLY C 29 -27.21 -1.53 5.76
N TRP C 30 -27.01 -0.69 4.74
CA TRP C 30 -25.87 0.22 4.75
C TRP C 30 -26.10 1.49 5.56
N ARG C 31 -27.27 1.69 6.15
CA ARG C 31 -27.44 2.85 7.01
C ARG C 31 -26.44 2.80 8.16
N ASP C 32 -25.84 3.93 8.49
CA ASP C 32 -24.68 3.96 9.38
C ASP C 32 -25.15 4.25 10.82
N VAL C 33 -25.73 3.24 11.44
CA VAL C 33 -26.32 3.40 12.76
C VAL C 33 -25.29 3.03 13.83
N LYS C 34 -25.50 3.54 15.04
CA LYS C 34 -24.56 3.32 16.13
C LYS C 34 -24.95 2.08 16.94
N LEU C 35 -23.95 1.53 17.64
CA LEU C 35 -24.21 0.45 18.57
C LEU C 35 -25.03 0.95 19.75
N SER C 36 -25.87 0.08 20.30
CA SER C 36 -26.54 0.36 21.56
C SER C 36 -25.57 0.15 22.72
N GLU C 37 -26.01 0.51 23.92
CA GLU C 37 -25.23 0.22 25.12
C GLU C 37 -24.95 -1.27 25.24
N GLN C 38 -25.94 -2.09 24.90
CA GLN C 38 -25.75 -3.55 24.90
C GLN C 38 -24.73 -3.97 23.85
N GLY C 39 -24.79 -3.37 22.66
CA GLY C 39 -23.82 -3.71 21.63
C GLY C 39 -22.40 -3.31 22.00
N LEU C 40 -22.25 -2.17 22.66
CA LEU C 40 -20.93 -1.73 23.12
C LEU C 40 -20.38 -2.70 24.16
N ALA C 41 -21.22 -3.12 25.11
CA ALA C 41 -20.77 -4.06 26.13
C ALA C 41 -20.41 -5.41 25.51
N GLU C 42 -21.17 -5.83 24.48
CA GLU C 42 -20.85 -7.07 23.80
C GLU C 42 -19.45 -7.03 23.19
N ALA C 43 -19.06 -5.89 22.62
CA ALA C 43 -17.72 -5.79 22.04
C ALA C 43 -16.65 -5.86 23.11
N ALA C 44 -16.87 -5.22 24.26
CA ALA C 44 -15.87 -5.27 25.32
C ALA C 44 -15.72 -6.69 25.85
N ALA C 45 -16.84 -7.40 26.03
CA ALA C 45 -16.77 -8.76 26.55
C ALA C 45 -15.99 -9.66 25.60
N ALA C 46 -16.11 -9.41 24.30
CA ALA C 46 -15.41 -10.22 23.31
C ALA C 46 -13.92 -9.96 23.36
N GLY C 47 -13.53 -8.69 23.41
CA GLY C 47 -12.12 -8.37 23.55
C GLY C 47 -11.52 -8.98 24.82
N LYS C 48 -12.25 -8.92 25.92
CA LYS C 48 -11.79 -9.56 27.15
C LYS C 48 -11.59 -11.05 26.94
N LYS C 49 -12.55 -11.72 26.29
CA LYS C 49 -12.43 -13.14 25.98
C LYS C 49 -11.17 -13.43 25.18
N LEU C 50 -10.92 -12.64 24.13
CA LEU C 50 -9.75 -12.88 23.30
C LEU C 50 -8.47 -12.58 24.06
N LYS C 51 -8.47 -11.53 24.88
CA LYS C 51 -7.33 -11.26 25.75
C LYS C 51 -7.05 -12.44 26.68
N GLU C 52 -8.09 -12.90 27.38
CA GLU C 52 -7.94 -13.99 28.34
C GLU C 52 -7.40 -15.25 27.69
N ASN C 53 -7.73 -15.49 26.43
CA ASN C 53 -7.31 -16.70 25.74
C ASN C 53 -6.07 -16.48 24.88
N GLY C 54 -5.47 -15.30 24.94
CA GLY C 54 -4.17 -15.09 24.33
C GLY C 54 -4.17 -14.91 22.84
N TYR C 55 -5.22 -14.33 22.27
CA TYR C 55 -5.31 -14.12 20.83
C TYR C 55 -4.64 -12.78 20.50
N GLU C 56 -3.50 -12.84 19.82
CA GLU C 56 -2.82 -11.66 19.30
C GLU C 56 -3.06 -11.56 17.80
N PHE C 57 -3.25 -10.34 17.30
CA PHE C 57 -3.48 -10.13 15.88
C PHE C 57 -2.35 -9.32 15.26
N ASP C 58 -2.12 -9.56 13.97
CA ASP C 58 -1.18 -8.76 13.18
C ASP C 58 -1.88 -7.76 12.27
N ILE C 59 -3.14 -8.00 11.93
CA ILE C 59 -3.91 -7.09 11.07
C ILE C 59 -5.39 -7.30 11.35
N ALA C 60 -6.15 -6.22 11.22
CA ALA C 60 -7.59 -6.26 11.43
C ALA C 60 -8.29 -5.71 10.20
N PHE C 61 -9.29 -6.42 9.71
CA PHE C 61 -10.15 -6.00 8.62
C PHE C 61 -11.56 -5.69 9.12
N THR C 62 -12.15 -4.60 8.63
CA THR C 62 -13.51 -4.21 9.03
C THR C 62 -14.21 -3.55 7.85
N SER C 63 -15.50 -3.22 8.02
CA SER C 63 -16.26 -2.56 6.97
C SER C 63 -16.02 -1.06 7.05
N VAL C 64 -16.83 -0.26 6.36
CA VAL C 64 -16.80 1.18 6.55
C VAL C 64 -18.01 1.68 7.32
N LEU C 65 -18.74 0.78 7.95
CA LEU C 65 -19.88 1.13 8.77
C LEU C 65 -19.46 1.26 10.23
N THR C 66 -19.88 2.36 10.87
CA THR C 66 -19.37 2.74 12.18
C THR C 66 -19.55 1.66 13.22
N ARG C 67 -20.67 0.94 13.21
CA ARG C 67 -20.90 -0.07 14.25
C ARG C 67 -19.88 -1.19 14.19
N ALA C 68 -19.36 -1.52 12.99
CA ALA C 68 -18.35 -2.55 12.87
C ALA C 68 -16.96 -2.02 13.23
N ILE C 69 -16.62 -0.81 12.77
CA ILE C 69 -15.32 -0.24 13.09
C ILE C 69 -15.18 -0.07 14.60
N LYS C 70 -16.22 0.46 15.23
CA LYS C 70 -16.16 0.68 16.68
C LYS C 70 -16.06 -0.66 17.42
N THR C 71 -16.78 -1.68 16.95
CA THR C 71 -16.59 -3.01 17.51
C THR C 71 -15.15 -3.46 17.38
N CYS C 72 -14.58 -3.27 16.19
CA CYS C 72 -13.20 -3.68 15.96
C CYS C 72 -12.27 -2.95 16.91
N ASN C 73 -12.44 -1.63 17.06
CA ASN C 73 -11.58 -0.84 17.91
C ASN C 73 -11.72 -1.22 19.38
N ILE C 74 -12.95 -1.49 19.83
CA ILE C 74 -13.15 -1.89 21.22
C ILE C 74 -12.45 -3.22 21.48
N VAL C 75 -12.62 -4.18 20.57
CA VAL C 75 -12.04 -5.50 20.76
C VAL C 75 -10.52 -5.42 20.83
N LEU C 76 -9.90 -4.62 19.95
CA LEU C 76 -8.45 -4.47 20.00
C LEU C 76 -8.01 -3.79 21.29
N GLU C 77 -8.73 -2.76 21.72
CA GLU C 77 -8.34 -2.05 22.95
C GLU C 77 -8.44 -2.96 24.17
N GLU C 78 -9.52 -3.74 24.26
CA GLU C 78 -9.72 -4.58 25.44
C GLU C 78 -8.81 -5.80 25.43
N SER C 79 -8.12 -6.09 24.32
CA SER C 79 -7.09 -7.11 24.31
C SER C 79 -5.69 -6.52 24.18
N ASP C 80 -5.53 -5.23 24.55
CA ASP C 80 -4.22 -4.59 24.70
C ASP C 80 -3.46 -4.47 23.37
N GLN C 81 -4.15 -4.26 22.25
CA GLN C 81 -3.46 -4.22 20.96
C GLN C 81 -4.14 -3.25 19.99
N LEU C 82 -4.47 -2.05 20.48
CA LEU C 82 -5.06 -1.04 19.59
C LEU C 82 -4.08 -0.57 18.51
N PHE C 83 -2.79 -0.91 18.64
CA PHE C 83 -1.79 -0.57 17.63
C PHE C 83 -1.93 -1.39 16.35
N VAL C 84 -2.74 -2.45 16.36
CA VAL C 84 -2.79 -3.36 15.21
C VAL C 84 -3.27 -2.61 13.97
N PRO C 85 -2.61 -2.76 12.81
CA PRO C 85 -3.08 -2.07 11.59
C PRO C 85 -4.50 -2.46 11.22
N GLN C 86 -5.26 -1.47 10.74
CA GLN C 86 -6.68 -1.66 10.48
C GLN C 86 -7.00 -1.22 9.06
N ILE C 87 -7.59 -2.13 8.27
CA ILE C 87 -8.05 -1.83 6.92
C ILE C 87 -9.57 -1.87 6.88
N LYS C 88 -10.19 -0.78 6.41
CA LYS C 88 -11.63 -0.66 6.31
C LYS C 88 -12.05 -0.75 4.84
N THR C 89 -13.06 -1.57 4.54
CA THR C 89 -13.49 -1.73 3.15
C THR C 89 -15.00 -1.85 3.04
N TRP C 90 -15.55 -1.19 2.02
CA TRP C 90 -16.96 -1.37 1.67
C TRP C 90 -17.29 -2.82 1.37
N ARG C 91 -16.30 -3.62 0.95
CA ARG C 91 -16.59 -5.01 0.59
C ARG C 91 -16.99 -5.86 1.79
N LEU C 92 -16.78 -5.37 3.01
CA LEU C 92 -17.25 -6.09 4.19
C LEU C 92 -18.54 -5.50 4.77
N ASN C 93 -19.16 -4.54 4.08
CA ASN C 93 -20.42 -3.95 4.53
C ASN C 93 -21.50 -5.02 4.68
N GLU C 94 -22.44 -4.75 5.56
CA GLU C 94 -23.69 -5.48 5.63
C GLU C 94 -24.37 -5.53 4.26
N ARG C 95 -25.21 -6.53 4.04
CA ARG C 95 -26.09 -6.54 2.86
C ARG C 95 -26.89 -5.24 2.81
N HIS C 96 -26.92 -4.62 1.63
CA HIS C 96 -27.78 -3.44 1.42
C HIS C 96 -29.23 -3.89 1.32
N TYR C 97 -30.12 -3.27 2.13
CA TYR C 97 -31.49 -3.72 2.22
C TYR C 97 -32.43 -2.94 1.31
N GLY C 98 -31.90 -2.15 0.38
CA GLY C 98 -32.78 -1.50 -0.57
C GLY C 98 -33.70 -0.49 0.10
N ARG C 99 -34.90 -0.35 -0.47
CA ARG C 99 -35.90 0.56 0.07
C ARG C 99 -36.36 0.16 1.47
N LEU C 100 -36.07 -1.06 1.91
CA LEU C 100 -36.48 -1.48 3.25
C LEU C 100 -35.66 -0.81 4.34
N GLN C 101 -34.51 -0.24 3.98
CA GLN C 101 -33.67 0.40 4.97
C GLN C 101 -34.44 1.51 5.69
N GLY C 102 -34.41 1.49 7.01
CA GLY C 102 -35.13 2.46 7.82
C GLY C 102 -36.58 2.14 8.09
N LEU C 103 -37.12 1.07 7.52
CA LEU C 103 -38.51 0.69 7.75
C LEU C 103 -38.64 -0.24 8.96
N ASP C 104 -39.80 -0.16 9.62
CA ASP C 104 -40.07 -1.05 10.74
C ASP C 104 -40.46 -2.43 10.21
N LYS C 105 -39.80 -3.47 10.74
CA LYS C 105 -39.99 -4.82 10.24
C LYS C 105 -41.39 -5.32 10.53
N LYS C 106 -41.95 -4.96 11.69
CA LYS C 106 -43.32 -5.35 12.02
C LYS C 106 -44.32 -4.69 11.09
N GLN C 107 -44.21 -3.36 10.92
CA GLN C 107 -45.14 -2.66 10.03
C GLN C 107 -44.95 -3.08 8.58
N THR C 108 -43.72 -3.42 8.19
CA THR C 108 -43.49 -4.00 6.86
C THR C 108 -44.21 -5.33 6.71
N ALA C 109 -44.15 -6.19 7.74
CA ALA C 109 -44.87 -7.45 7.68
C ALA C 109 -46.38 -7.24 7.67
N GLU C 110 -46.86 -6.20 8.35
CA GLU C 110 -48.30 -5.91 8.31
C GLU C 110 -48.74 -5.51 6.91
N LYS C 111 -47.90 -4.75 6.21
CA LYS C 111 -48.23 -4.25 4.87
C LYS C 111 -48.11 -5.34 3.80
N TYR C 112 -47.07 -6.17 3.87
CA TYR C 112 -46.77 -7.12 2.82
C TYR C 112 -47.01 -8.58 3.20
N GLY C 113 -47.26 -8.88 4.47
CA GLY C 113 -47.43 -10.25 4.87
C GLY C 113 -46.16 -10.85 5.44
N ASP C 114 -46.33 -11.84 6.31
CA ASP C 114 -45.18 -12.46 6.99
C ASP C 114 -44.25 -13.14 5.99
N GLU C 115 -44.80 -13.90 5.05
CA GLU C 115 -43.99 -14.67 4.12
C GLU C 115 -43.06 -13.78 3.30
N GLN C 116 -43.58 -12.66 2.79
CA GLN C 116 -42.77 -11.79 1.95
C GLN C 116 -41.59 -11.21 2.74
N VAL C 117 -41.79 -10.88 4.01
CA VAL C 117 -40.67 -10.40 4.80
C VAL C 117 -39.67 -11.52 5.05
N ARG C 118 -40.18 -12.75 5.26
CA ARG C 118 -39.28 -13.90 5.39
C ARG C 118 -38.46 -14.11 4.13
N ILE C 119 -39.09 -13.96 2.95
CA ILE C 119 -38.36 -14.07 1.69
C ILE C 119 -37.29 -12.99 1.60
N TRP C 120 -37.66 -11.76 1.91
CA TRP C 120 -36.67 -10.69 1.84
C TRP C 120 -35.54 -10.91 2.82
N ARG C 121 -35.85 -11.48 3.98
CA ARG C 121 -34.83 -11.69 5.00
C ARG C 121 -33.95 -12.90 4.68
N ARG C 122 -34.51 -13.96 4.10
CA ARG C 122 -33.81 -15.23 4.08
C ARG C 122 -33.72 -15.93 2.72
N SER C 123 -34.20 -15.34 1.63
CA SER C 123 -33.96 -15.93 0.31
C SER C 123 -32.55 -15.61 -0.16
N TYR C 124 -31.85 -16.62 -0.70
CA TYR C 124 -30.45 -16.43 -1.09
C TYR C 124 -30.31 -15.40 -2.19
N ASP C 125 -31.22 -15.40 -3.17
CA ASP C 125 -31.01 -14.63 -4.38
C ASP C 125 -32.23 -13.79 -4.76
N THR C 126 -33.09 -13.44 -3.81
CA THR C 126 -34.18 -12.50 -4.06
C THR C 126 -33.73 -11.12 -3.60
N LEU C 127 -33.66 -10.18 -4.54
CA LEU C 127 -33.36 -8.79 -4.18
C LEU C 127 -34.50 -8.16 -3.38
N PRO C 128 -34.19 -7.28 -2.44
CA PRO C 128 -35.23 -6.45 -1.82
C PRO C 128 -35.71 -5.41 -2.82
N PRO C 129 -36.81 -4.72 -2.54
CA PRO C 129 -37.18 -3.57 -3.37
C PRO C 129 -36.03 -2.57 -3.39
N LEU C 130 -35.72 -2.05 -4.58
CA LEU C 130 -34.53 -1.22 -4.74
C LEU C 130 -34.76 0.22 -4.28
N LEU C 131 -33.71 0.81 -3.71
CA LEU C 131 -33.72 2.18 -3.24
C LEU C 131 -33.37 3.14 -4.37
N ASP C 132 -34.24 4.12 -4.63
CA ASP C 132 -34.02 5.08 -5.72
C ASP C 132 -32.68 5.79 -5.53
N LYS C 133 -31.96 5.96 -6.63
CA LYS C 133 -30.59 6.46 -6.52
C LYS C 133 -30.57 7.94 -6.11
N ASP C 134 -31.68 8.64 -6.27
CA ASP C 134 -31.78 10.04 -5.88
C ASP C 134 -32.36 10.23 -4.49
N ASP C 135 -32.64 9.15 -3.76
CA ASP C 135 -33.10 9.27 -2.39
C ASP C 135 -32.03 9.89 -1.50
N ALA C 136 -32.46 10.73 -0.55
CA ALA C 136 -31.51 11.37 0.37
C ALA C 136 -30.66 10.36 1.12
N PHE C 137 -31.20 9.16 1.38
CA PHE C 137 -30.46 8.14 2.10
C PHE C 137 -29.92 7.05 1.18
N SER C 138 -29.83 7.32 -0.11
CA SER C 138 -29.12 6.42 -1.02
C SER C 138 -27.63 6.41 -0.69
N ALA C 139 -27.01 5.25 -0.88
CA ALA C 139 -25.57 5.17 -0.65
C ALA C 139 -24.77 5.96 -1.68
N HIS C 140 -25.37 6.28 -2.83
CA HIS C 140 -24.67 7.10 -3.82
C HIS C 140 -24.35 8.49 -3.30
N LYS C 141 -25.01 8.94 -2.23
CA LYS C 141 -24.78 10.28 -1.70
C LYS C 141 -23.80 10.30 -0.52
N ASP C 142 -23.29 9.15 -0.10
CA ASP C 142 -22.42 9.07 1.07
C ASP C 142 -20.96 9.21 0.62
N ARG C 143 -20.25 10.20 1.17
CA ARG C 143 -18.92 10.46 0.62
C ARG C 143 -17.93 9.35 0.88
N ARG C 144 -18.26 8.38 1.74
CA ARG C 144 -17.32 7.29 1.95
C ARG C 144 -17.22 6.36 0.74
N TYR C 145 -18.14 6.46 -0.21
CA TYR C 145 -18.05 5.72 -1.47
C TYR C 145 -17.68 6.62 -2.66
N ALA C 146 -17.23 7.85 -2.39
CA ALA C 146 -16.97 8.80 -3.48
C ALA C 146 -15.80 8.38 -4.37
N HIS C 147 -14.96 7.46 -3.92
CA HIS C 147 -13.80 7.06 -4.69
CA HIS C 147 -13.78 7.03 -4.65
CA HIS C 147 -13.78 7.03 -4.65
C HIS C 147 -14.04 5.76 -5.45
N LEU C 148 -15.26 5.30 -5.51
CA LEU C 148 -15.70 4.12 -6.21
C LEU C 148 -16.54 4.51 -7.41
N PRO C 149 -16.44 3.78 -8.51
CA PRO C 149 -17.42 3.92 -9.59
C PRO C 149 -18.83 3.72 -9.06
N ALA C 150 -19.76 4.53 -9.58
CA ALA C 150 -21.11 4.54 -9.03
C ALA C 150 -21.80 3.19 -9.20
N ASP C 151 -21.52 2.46 -10.28
CA ASP C 151 -22.25 1.21 -10.51
C ASP C 151 -21.82 0.09 -9.58
N VAL C 152 -20.82 0.28 -8.72
CA VAL C 152 -20.56 -0.71 -7.68
C VAL C 152 -21.26 -0.35 -6.38
N VAL C 153 -21.77 0.86 -6.26
CA VAL C 153 -22.57 1.23 -5.09
C VAL C 153 -23.98 0.69 -5.30
N PRO C 154 -24.47 -0.23 -4.47
CA PRO C 154 -25.74 -0.90 -4.77
C PRO C 154 -26.96 -0.09 -4.34
N ASP C 155 -28.07 -0.39 -5.01
CA ASP C 155 -29.38 0.11 -4.62
C ASP C 155 -30.17 -0.93 -3.84
N GLY C 156 -29.58 -2.13 -3.66
CA GLY C 156 -30.15 -3.20 -2.89
C GLY C 156 -29.40 -4.48 -3.18
N GLU C 157 -29.33 -5.39 -2.22
CA GLU C 157 -28.55 -6.62 -2.36
C GLU C 157 -29.28 -7.77 -1.69
N ASN C 158 -28.99 -8.99 -2.16
CA ASN C 158 -29.26 -10.25 -1.48
C ASN C 158 -27.93 -10.88 -1.06
N LEU C 159 -28.00 -12.04 -0.39
CA LEU C 159 -26.75 -12.63 0.08
C LEU C 159 -25.87 -13.07 -1.08
N LYS C 160 -26.49 -13.50 -2.18
CA LYS C 160 -25.72 -13.96 -3.34
C LYS C 160 -24.85 -12.84 -3.90
N VAL C 161 -25.43 -11.65 -4.08
CA VAL C 161 -24.68 -10.50 -4.59
CA VAL C 161 -24.61 -10.56 -4.61
C VAL C 161 -23.69 -10.00 -3.54
N THR C 162 -24.07 -10.08 -2.25
CA THR C 162 -23.12 -9.73 -1.19
C THR C 162 -21.88 -10.59 -1.29
N LEU C 163 -22.07 -11.91 -1.44
CA LEU C 163 -20.90 -12.80 -1.60
C LEU C 163 -20.05 -12.39 -2.80
N GLU C 164 -20.70 -11.99 -3.90
CA GLU C 164 -19.95 -11.61 -5.10
C GLU C 164 -19.03 -10.42 -4.86
N ARG C 165 -19.40 -9.50 -3.96
CA ARG C 165 -18.47 -8.42 -3.67
C ARG C 165 -17.63 -8.63 -2.41
N VAL C 166 -17.99 -9.57 -1.52
CA VAL C 166 -17.09 -9.94 -0.42
C VAL C 166 -15.92 -10.78 -0.94
N LEU C 167 -16.21 -11.70 -1.83
CA LEU C 167 -15.19 -12.69 -2.20
C LEU C 167 -13.89 -12.09 -2.74
N PRO C 168 -13.89 -11.05 -3.61
CA PRO C 168 -12.60 -10.49 -4.03
C PRO C 168 -11.76 -10.00 -2.86
N PHE C 169 -12.38 -9.50 -1.79
CA PHE C 169 -11.60 -9.03 -0.66
C PHE C 169 -10.95 -10.20 0.08
N TRP C 170 -11.63 -11.35 0.14
CA TRP C 170 -10.96 -12.57 0.62
C TRP C 170 -9.77 -12.93 -0.27
N GLU C 171 -9.95 -12.88 -1.59
CA GLU C 171 -8.89 -13.32 -2.51
C GLU C 171 -7.70 -12.37 -2.53
N ASP C 172 -7.95 -11.07 -2.44
CA ASP C 172 -6.91 -10.06 -2.59
C ASP C 172 -6.23 -9.69 -1.28
N GLN C 173 -6.95 -9.74 -0.14
CA GLN C 173 -6.42 -9.21 1.11
C GLN C 173 -6.41 -10.21 2.25
N ILE C 174 -7.55 -10.83 2.57
CA ILE C 174 -7.59 -11.66 3.78
C ILE C 174 -6.77 -12.94 3.59
N ALA C 175 -7.06 -13.70 2.54
CA ALA C 175 -6.32 -14.94 2.36
C ALA C 175 -4.82 -14.70 2.16
N PRO C 176 -4.38 -13.74 1.35
CA PRO C 176 -2.93 -13.49 1.27
C PRO C 176 -2.31 -13.14 2.62
N ALA C 177 -3.03 -12.42 3.47
CA ALA C 177 -2.52 -12.13 4.80
C ALA C 177 -2.31 -13.41 5.59
N ILE C 178 -3.34 -14.27 5.64
CA ILE C 178 -3.19 -15.54 6.35
C ILE C 178 -2.02 -16.33 5.78
N LEU C 179 -1.93 -16.38 4.45
CA LEU C 179 -0.87 -17.17 3.82
C LEU C 179 0.51 -16.61 4.11
N SER C 180 0.63 -15.31 4.34
CA SER C 180 1.91 -14.75 4.72
CA SER C 180 1.91 -14.75 4.72
C SER C 180 2.25 -14.99 6.19
N GLY C 181 1.37 -15.62 6.95
CA GLY C 181 1.62 -15.90 8.34
C GLY C 181 0.99 -14.92 9.31
N LYS C 182 0.12 -14.02 8.84
CA LYS C 182 -0.45 -13.01 9.70
C LYS C 182 -1.69 -13.56 10.41
N ARG C 183 -1.82 -13.23 11.70
CA ARG C 183 -2.97 -13.59 12.50
C ARG C 183 -4.03 -12.52 12.32
N VAL C 184 -5.18 -12.89 11.73
CA VAL C 184 -6.16 -11.95 11.21
C VAL C 184 -7.39 -11.90 12.09
N LEU C 185 -7.89 -10.68 12.34
CA LEU C 185 -9.21 -10.41 12.87
C LEU C 185 -10.08 -9.81 11.77
N VAL C 186 -11.31 -10.28 11.64
CA VAL C 186 -12.32 -9.69 10.74
C VAL C 186 -13.51 -9.29 11.60
N ALA C 187 -13.75 -7.97 11.72
CA ALA C 187 -14.90 -7.45 12.46
C ALA C 187 -15.89 -6.88 11.46
N ALA C 188 -17.03 -7.55 11.28
CA ALA C 188 -17.97 -7.13 10.25
C ALA C 188 -19.41 -7.40 10.65
N HIS C 189 -20.24 -7.86 9.70
CA HIS C 189 -21.68 -7.92 9.86
C HIS C 189 -22.19 -9.33 9.57
N GLY C 190 -23.48 -9.54 9.86
CA GLY C 190 -24.05 -10.87 9.70
C GLY C 190 -23.90 -11.44 8.30
N ASN C 191 -24.35 -10.67 7.30
CA ASN C 191 -24.33 -11.20 5.93
C ASN C 191 -22.93 -11.25 5.33
N SER C 192 -22.04 -10.31 5.68
CA SER C 192 -20.71 -10.36 5.07
C SER C 192 -19.87 -11.47 5.69
N LEU C 193 -20.02 -11.71 6.99
CA LEU C 193 -19.36 -12.85 7.62
C LEU C 193 -19.99 -14.16 7.16
N ARG C 194 -21.31 -14.18 6.99
CA ARG C 194 -21.96 -15.38 6.47
C ARG C 194 -21.44 -15.70 5.09
N ALA C 195 -21.15 -14.65 4.29
CA ALA C 195 -20.60 -14.85 2.96
C ALA C 195 -19.21 -15.46 3.04
N LEU C 196 -18.34 -14.92 3.90
CA LEU C 196 -17.01 -15.48 4.08
C LEU C 196 -17.09 -16.93 4.57
N ALA C 197 -17.94 -17.18 5.58
CA ALA C 197 -18.14 -18.54 6.05
C ALA C 197 -18.56 -19.47 4.91
N LYS C 198 -19.50 -19.02 4.06
CA LYS C 198 -19.97 -19.88 2.97
C LYS C 198 -18.80 -20.36 2.13
N HIS C 199 -17.90 -19.44 1.80
CA HIS C 199 -16.77 -19.76 0.95
C HIS C 199 -15.75 -20.62 1.70
N ILE C 200 -15.37 -20.19 2.90
CA ILE C 200 -14.33 -20.91 3.66
C ILE C 200 -14.77 -22.32 4.00
N GLU C 201 -16.03 -22.48 4.40
CA GLU C 201 -16.50 -23.80 4.81
C GLU C 201 -17.03 -24.64 3.67
N GLY C 202 -17.26 -24.05 2.49
CA GLY C 202 -17.84 -24.77 1.37
C GLY C 202 -19.30 -25.15 1.52
N ILE C 203 -20.14 -24.18 1.88
CA ILE C 203 -21.56 -24.43 2.12
C ILE C 203 -22.35 -24.13 0.86
N SER C 204 -23.34 -24.97 0.57
CA SER C 204 -24.12 -24.83 -0.65
C SER C 204 -25.03 -23.60 -0.57
N ASP C 205 -25.46 -23.14 -1.75
CA ASP C 205 -26.50 -22.13 -1.84
C ASP C 205 -27.73 -22.52 -1.04
N GLU C 206 -28.09 -23.80 -1.08
CA GLU C 206 -29.32 -24.27 -0.45
C GLU C 206 -29.21 -24.33 1.07
N ASP C 207 -27.99 -24.34 1.63
CA ASP C 207 -27.80 -24.50 3.06
C ASP C 207 -27.35 -23.22 3.78
N ILE C 208 -26.86 -22.21 3.07
CA ILE C 208 -26.21 -21.08 3.73
C ILE C 208 -27.23 -20.21 4.48
N MET C 209 -28.44 -20.06 3.94
CA MET C 209 -29.42 -19.22 4.63
C MET C 209 -29.87 -19.80 5.96
N GLY C 210 -29.43 -21.01 6.30
CA GLY C 210 -29.64 -21.57 7.62
C GLY C 210 -28.46 -21.41 8.58
N LEU C 211 -27.38 -20.76 8.15
CA LEU C 211 -26.22 -20.60 9.00
C LEU C 211 -26.38 -19.38 9.90
N GLU C 212 -26.21 -19.60 11.21
CA GLU C 212 -26.37 -18.52 12.19
C GLU C 212 -25.00 -18.05 12.65
N ILE C 213 -24.82 -16.74 12.71
CA ILE C 213 -23.59 -16.18 13.28
C ILE C 213 -23.97 -15.31 14.47
N PRO C 214 -23.72 -15.75 15.69
CA PRO C 214 -24.15 -14.98 16.86
C PRO C 214 -23.41 -13.65 16.94
N THR C 215 -24.11 -12.65 17.48
CA THR C 215 -23.53 -11.33 17.63
C THR C 215 -22.61 -11.28 18.84
N GLY C 216 -21.45 -10.63 18.66
CA GLY C 216 -20.58 -10.38 19.78
C GLY C 216 -19.85 -11.60 20.32
N GLN C 217 -19.84 -12.71 19.59
CA GLN C 217 -19.17 -13.91 20.06
C GLN C 217 -18.03 -14.23 19.11
N PRO C 218 -16.78 -14.21 19.57
CA PRO C 218 -15.65 -14.52 18.68
C PRO C 218 -15.77 -15.93 18.09
N LEU C 219 -15.61 -16.01 16.78
CA LEU C 219 -15.65 -17.24 16.03
C LEU C 219 -14.24 -17.54 15.52
N VAL C 220 -13.75 -18.74 15.78
CA VAL C 220 -12.37 -19.10 15.51
C VAL C 220 -12.34 -20.25 14.51
N TYR C 221 -11.62 -20.05 13.41
CA TYR C 221 -11.27 -21.10 12.46
C TYR C 221 -9.81 -21.46 12.65
N LYS C 222 -9.52 -22.73 12.97
CA LYS C 222 -8.18 -23.26 12.77
C LYS C 222 -8.09 -23.72 11.32
N LEU C 223 -7.10 -23.21 10.59
CA LEU C 223 -6.95 -23.50 9.18
C LEU C 223 -5.62 -24.24 8.95
N ASP C 224 -5.58 -25.04 7.90
CA ASP C 224 -4.34 -25.66 7.50
C ASP C 224 -3.63 -24.78 6.46
N ASP C 225 -2.53 -25.28 5.88
CA ASP C 225 -1.74 -24.47 4.95
C ASP C 225 -2.47 -24.21 3.64
N ASN C 226 -3.56 -24.92 3.35
CA ASN C 226 -4.37 -24.69 2.17
C ASN C 226 -5.63 -23.89 2.49
N LEU C 227 -5.71 -23.34 3.70
CA LEU C 227 -6.85 -22.56 4.19
C LEU C 227 -8.12 -23.43 4.30
N LYS C 228 -7.93 -24.72 4.51
CA LYS C 228 -9.05 -25.62 4.80
C LYS C 228 -9.30 -25.66 6.30
N VAL C 229 -10.58 -25.66 6.69
CA VAL C 229 -10.93 -25.61 8.10
C VAL C 229 -10.51 -26.91 8.79
N ILE C 230 -9.62 -26.79 9.77
CA ILE C 230 -9.33 -27.92 10.63
C ILE C 230 -10.38 -28.03 11.72
N GLU C 231 -10.74 -26.91 12.32
CA GLU C 231 -11.73 -26.89 13.40
C GLU C 231 -12.38 -25.53 13.42
N LYS C 232 -13.68 -25.52 13.76
CA LYS C 232 -14.44 -24.29 13.94
C LYS C 232 -15.04 -24.31 15.34
N PHE C 233 -14.80 -23.27 16.11
CA PHE C 233 -15.35 -23.21 17.47
C PHE C 233 -15.56 -21.76 17.88
N TYR C 234 -16.50 -21.56 18.79
CA TYR C 234 -16.81 -20.23 19.32
C TYR C 234 -16.12 -20.03 20.65
N LEU C 235 -15.57 -18.84 20.85
CA LEU C 235 -14.88 -18.51 22.10
C LEU C 235 -15.87 -18.12 23.19
N HIS D 8 -5.05 25.61 -2.23
CA HIS D 8 -4.83 25.69 -0.79
C HIS D 8 -5.51 24.52 -0.06
N MET D 9 -4.77 23.90 0.86
CA MET D 9 -5.23 22.76 1.65
C MET D 9 -5.17 23.09 3.13
N GLU D 10 -6.08 22.51 3.90
CA GLU D 10 -6.05 22.62 5.36
C GLU D 10 -5.50 21.35 5.98
N LEU D 11 -4.64 21.51 6.97
CA LEU D 11 -4.02 20.41 7.71
C LEU D 11 -4.36 20.59 9.19
N VAL D 12 -4.85 19.52 9.82
CA VAL D 12 -5.35 19.61 11.19
C VAL D 12 -4.53 18.71 12.11
N PHE D 13 -4.02 19.28 13.19
CA PHE D 13 -3.33 18.54 14.24
C PHE D 13 -4.23 18.45 15.48
N ILE D 14 -4.18 17.33 16.20
CA ILE D 14 -4.78 17.24 17.52
C ILE D 14 -3.82 16.51 18.47
N ARG D 15 -3.50 17.15 19.59
CA ARG D 15 -2.71 16.52 20.65
C ARG D 15 -3.66 15.86 21.65
N HIS D 16 -3.32 14.65 22.08
CA HIS D 16 -4.19 13.96 23.02
C HIS D 16 -4.20 14.66 24.38
N GLY D 17 -5.30 14.48 25.10
CA GLY D 17 -5.46 15.05 26.42
C GLY D 17 -4.80 14.22 27.51
N GLN D 18 -5.28 14.43 28.73
CA GLN D 18 -4.62 13.88 29.91
C GLN D 18 -4.58 12.36 29.90
N SER D 19 -3.44 11.80 30.29
CA SER D 19 -3.28 10.37 30.50
C SER D 19 -3.33 10.05 31.97
N GLU D 20 -3.48 8.76 32.28
CA GLU D 20 -3.47 8.36 33.69
C GLU D 20 -2.14 8.66 34.36
N TRP D 21 -1.05 8.68 33.58
CA TRP D 21 0.27 8.96 34.17
C TRP D 21 0.50 10.47 34.34
N ASN D 22 -0.06 11.30 33.46
CA ASN D 22 -0.08 12.73 33.74
C ASN D 22 -0.74 13.02 35.08
N ALA D 23 -1.89 12.39 35.32
CA ALA D 23 -2.58 12.56 36.60
C ALA D 23 -1.72 12.09 37.77
N LYS D 24 -0.83 11.13 37.55
CA LYS D 24 0.07 10.62 38.58
C LYS D 24 1.43 11.31 38.57
N ASN D 25 1.64 12.29 37.69
CA ASN D 25 2.91 13.04 37.60
C ASN D 25 4.10 12.14 37.26
N LEU D 26 3.90 11.24 36.30
CA LEU D 26 4.94 10.31 35.88
C LEU D 26 5.43 10.65 34.47
N PHE D 27 6.74 10.48 34.25
CA PHE D 27 7.29 10.52 32.89
C PHE D 27 6.78 9.33 32.10
N THR D 28 6.30 9.57 30.88
CA THR D 28 5.65 8.53 30.08
C THR D 28 6.47 8.08 28.88
N GLY D 29 6.81 8.99 27.97
CA GLY D 29 7.59 8.58 26.81
C GLY D 29 6.86 7.55 25.95
N TRP D 30 7.51 6.42 25.68
CA TRP D 30 6.93 5.35 24.87
C TRP D 30 6.12 4.34 25.68
N ARG D 31 6.00 4.49 27.00
CA ARG D 31 5.14 3.59 27.74
C ARG D 31 3.69 3.77 27.28
N ASP D 32 2.96 2.66 27.16
CA ASP D 32 1.65 2.68 26.50
C ASP D 32 0.53 2.82 27.53
N VAL D 33 0.36 4.04 28.03
CA VAL D 33 -0.59 4.29 29.10
C VAL D 33 -1.92 4.73 28.52
N LYS D 34 -2.97 4.62 29.34
CA LYS D 34 -4.34 4.95 28.92
CA LYS D 34 -4.32 4.95 28.89
C LYS D 34 -4.67 6.40 29.20
N LEU D 35 -5.59 6.95 28.40
CA LEU D 35 -6.15 8.26 28.68
C LEU D 35 -6.92 8.24 29.99
N SER D 36 -6.94 9.38 30.68
CA SER D 36 -7.85 9.50 31.81
C SER D 36 -9.25 9.89 31.29
N GLU D 37 -10.22 9.88 32.21
CA GLU D 37 -11.56 10.31 31.83
C GLU D 37 -11.53 11.72 31.28
N GLN D 38 -10.72 12.60 31.88
CA GLN D 38 -10.56 13.95 31.37
C GLN D 38 -10.03 13.94 29.93
N GLY D 39 -8.98 13.15 29.69
CA GLY D 39 -8.43 13.06 28.35
C GLY D 39 -9.42 12.51 27.33
N LEU D 40 -10.30 11.60 27.77
CA LEU D 40 -11.33 11.10 26.86
C LEU D 40 -12.33 12.19 26.53
N ALA D 41 -12.74 12.98 27.53
CA ALA D 41 -13.66 14.08 27.26
C ALA D 41 -13.04 15.10 26.31
N GLU D 42 -11.76 15.43 26.52
CA GLU D 42 -11.07 16.37 25.63
C GLU D 42 -11.12 15.91 24.18
N ALA D 43 -10.91 14.62 23.95
CA ALA D 43 -10.99 14.09 22.58
C ALA D 43 -12.39 14.29 22.01
N ALA D 44 -13.42 13.99 22.80
CA ALA D 44 -14.78 14.15 22.32
C ALA D 44 -15.11 15.60 22.03
N ALA D 45 -14.70 16.51 22.91
CA ALA D 45 -14.94 17.93 22.67
C ALA D 45 -14.27 18.40 21.39
N ALA D 46 -13.06 17.91 21.11
CA ALA D 46 -12.34 18.30 19.89
C ALA D 46 -13.07 17.80 18.64
N GLY D 47 -13.51 16.53 18.65
CA GLY D 47 -14.25 16.03 17.51
C GLY D 47 -15.53 16.80 17.25
N LYS D 48 -16.26 17.15 18.32
CA LYS D 48 -17.48 17.94 18.16
C LYS D 48 -17.17 19.30 17.53
N LYS D 49 -16.06 19.92 17.94
CA LYS D 49 -15.69 21.22 17.37
C LYS D 49 -15.37 21.10 15.88
N LEU D 50 -14.63 20.07 15.49
CA LEU D 50 -14.36 19.85 14.07
C LEU D 50 -15.65 19.63 13.29
N LYS D 51 -16.61 18.91 13.89
CA LYS D 51 -17.89 18.69 13.23
C LYS D 51 -18.64 19.99 13.02
N GLU D 52 -18.70 20.83 14.06
CA GLU D 52 -19.46 22.07 13.97
C GLU D 52 -18.86 23.03 12.95
N ASN D 53 -17.55 22.99 12.72
CA ASN D 53 -16.92 23.81 11.70
C ASN D 53 -16.76 23.08 10.38
N GLY D 54 -17.36 21.90 10.24
CA GLY D 54 -17.44 21.22 8.96
C GLY D 54 -16.14 20.67 8.42
N TYR D 55 -15.27 20.15 9.30
CA TYR D 55 -14.00 19.61 8.86
C TYR D 55 -14.19 18.15 8.45
N GLU D 56 -13.96 17.86 7.17
CA GLU D 56 -13.95 16.50 6.66
C GLU D 56 -12.52 16.07 6.37
N PHE D 57 -12.20 14.81 6.64
CA PHE D 57 -10.87 14.26 6.42
C PHE D 57 -10.91 13.11 5.43
N ASP D 58 -9.85 12.98 4.65
CA ASP D 58 -9.70 11.84 3.76
C ASP D 58 -8.74 10.79 4.30
N ILE D 59 -7.89 11.15 5.25
CA ILE D 59 -6.91 10.22 5.82
C ILE D 59 -6.51 10.75 7.20
N ALA D 60 -6.23 9.83 8.11
CA ALA D 60 -5.83 10.18 9.48
C ALA D 60 -4.54 9.45 9.82
N PHE D 61 -3.56 10.20 10.32
CA PHE D 61 -2.27 9.63 10.74
C PHE D 61 -2.17 9.70 12.26
N THR D 62 -1.69 8.62 12.88
CA THR D 62 -1.51 8.62 14.34
C THR D 62 -0.25 7.84 14.69
N SER D 63 0.06 7.77 15.99
CA SER D 63 1.21 7.01 16.46
C SER D 63 0.78 5.56 16.66
N VAL D 64 1.63 4.74 17.29
CA VAL D 64 1.21 3.41 17.68
C VAL D 64 0.97 3.32 19.18
N LEU D 65 0.86 4.46 19.86
CA LEU D 65 0.52 4.51 21.28
C LEU D 65 -0.99 4.66 21.46
N THR D 66 -1.54 3.85 22.36
CA THR D 66 -3.00 3.75 22.53
C THR D 66 -3.64 5.11 22.83
N ARG D 67 -2.98 5.96 23.61
CA ARG D 67 -3.61 7.23 23.98
C ARG D 67 -3.84 8.13 22.77
N ALA D 68 -2.99 8.03 21.75
CA ALA D 68 -3.16 8.83 20.54
C ALA D 68 -4.16 8.18 19.59
N ILE D 69 -4.09 6.85 19.45
CA ILE D 69 -5.02 6.16 18.54
C ILE D 69 -6.45 6.32 19.02
N LYS D 70 -6.66 6.14 20.33
CA LYS D 70 -8.01 6.31 20.86
C LYS D 70 -8.48 7.75 20.68
N THR D 71 -7.59 8.73 20.91
CA THR D 71 -7.94 10.11 20.60
C THR D 71 -8.35 10.26 19.14
N CYS D 72 -7.55 9.68 18.23
CA CYS D 72 -7.88 9.73 16.81
C CYS D 72 -9.27 9.15 16.54
N ASN D 73 -9.53 7.95 17.05
CA ASN D 73 -10.82 7.30 16.80
C ASN D 73 -11.96 8.11 17.40
N ILE D 74 -11.78 8.67 18.60
CA ILE D 74 -12.85 9.46 19.20
C ILE D 74 -13.14 10.68 18.35
N VAL D 75 -12.09 11.37 17.91
CA VAL D 75 -12.28 12.59 17.12
C VAL D 75 -13.02 12.27 15.83
N LEU D 76 -12.62 11.20 15.16
CA LEU D 76 -13.29 10.81 13.92
C LEU D 76 -14.75 10.43 14.18
N GLU D 77 -15.00 9.61 15.20
CA GLU D 77 -16.38 9.17 15.46
C GLU D 77 -17.26 10.36 15.82
N GLU D 78 -16.78 11.24 16.72
CA GLU D 78 -17.60 12.37 17.11
C GLU D 78 -17.80 13.38 15.99
N SER D 79 -17.09 13.25 14.86
CA SER D 79 -17.35 14.09 13.70
C SER D 79 -17.91 13.28 12.52
N ASP D 80 -18.53 12.13 12.81
CA ASP D 80 -19.30 11.32 11.87
C ASP D 80 -18.45 10.80 10.71
N GLN D 81 -17.18 10.49 10.96
CA GLN D 81 -16.30 10.00 9.90
C GLN D 81 -15.33 8.94 10.43
N LEU D 82 -15.85 8.00 11.21
CA LEU D 82 -15.00 6.89 11.66
C LEU D 82 -14.56 5.99 10.51
N PHE D 83 -15.16 6.11 9.34
CA PHE D 83 -14.72 5.37 8.17
C PHE D 83 -13.38 5.85 7.59
N VAL D 84 -12.88 7.01 8.02
CA VAL D 84 -11.69 7.58 7.36
C VAL D 84 -10.50 6.64 7.55
N PRO D 85 -9.73 6.35 6.49
CA PRO D 85 -8.57 5.45 6.62
C PRO D 85 -7.55 5.98 7.62
N GLN D 86 -6.94 5.06 8.36
CA GLN D 86 -6.08 5.39 9.47
C GLN D 86 -4.75 4.65 9.32
N ILE D 87 -3.65 5.40 9.41
CA ILE D 87 -2.31 4.85 9.36
C ILE D 87 -1.64 5.14 10.70
N LYS D 88 -1.15 4.10 11.37
CA LYS D 88 -0.49 4.22 12.65
C LYS D 88 1.01 4.01 12.44
N THR D 89 1.83 4.90 13.01
CA THR D 89 3.28 4.78 12.79
C THR D 89 4.06 5.12 14.04
N TRP D 90 5.11 4.33 14.30
CA TRP D 90 6.02 4.66 15.40
C TRP D 90 6.68 6.02 15.21
N ARG D 91 6.82 6.47 13.95
CA ARG D 91 7.47 7.76 13.71
C ARG D 91 6.71 8.94 14.33
N LEU D 92 5.44 8.77 14.70
CA LEU D 92 4.65 9.82 15.35
C LEU D 92 4.58 9.64 16.87
N ASN D 93 5.30 8.65 17.42
CA ASN D 93 5.33 8.43 18.85
C ASN D 93 5.85 9.66 19.59
N GLU D 94 5.43 9.78 20.86
CA GLU D 94 6.01 10.71 21.81
C GLU D 94 7.51 10.52 21.89
N ARG D 95 8.22 11.60 22.26
CA ARG D 95 9.65 11.48 22.55
C ARG D 95 9.91 10.40 23.59
N HIS D 96 10.86 9.51 23.31
CA HIS D 96 11.27 8.49 24.28
C HIS D 96 12.05 9.14 25.41
N TYR D 97 11.66 8.88 26.65
CA TYR D 97 12.24 9.54 27.82
C TYR D 97 13.32 8.70 28.51
N GLY D 98 13.79 7.62 27.88
CA GLY D 98 14.89 6.83 28.43
C GLY D 98 14.53 6.19 29.75
N ARG D 99 15.52 6.18 30.66
CA ARG D 99 15.35 5.63 31.99
C ARG D 99 14.41 6.46 32.86
N LEU D 100 14.05 7.67 32.42
CA LEU D 100 13.11 8.47 33.19
C LEU D 100 11.68 7.94 33.08
N GLN D 101 11.39 7.13 32.08
CA GLN D 101 10.05 6.61 31.91
C GLN D 101 9.63 5.82 33.13
N GLY D 102 8.42 6.07 33.64
CA GLY D 102 7.90 5.41 34.80
C GLY D 102 8.23 6.07 36.12
N LEU D 103 9.09 7.09 36.11
CA LEU D 103 9.53 7.75 37.33
C LEU D 103 8.65 8.95 37.66
N ASP D 104 8.53 9.20 38.97
CA ASP D 104 7.78 10.35 39.47
C ASP D 104 8.58 11.62 39.23
N LYS D 105 7.95 12.62 38.61
CA LYS D 105 8.68 13.85 38.29
C LYS D 105 9.13 14.57 39.55
N LYS D 106 8.32 14.55 40.61
CA LYS D 106 8.73 15.18 41.85
C LYS D 106 9.88 14.42 42.50
N GLN D 107 9.76 13.10 42.61
CA GLN D 107 10.84 12.30 43.19
C GLN D 107 12.13 12.42 42.38
N THR D 108 12.00 12.61 41.06
CA THR D 108 13.18 12.77 40.21
C THR D 108 13.87 14.11 40.47
N ALA D 109 13.10 15.19 40.54
CA ALA D 109 13.68 16.49 40.84
C ALA D 109 14.31 16.49 42.23
N GLU D 110 13.75 15.74 43.17
CA GLU D 110 14.32 15.67 44.51
C GLU D 110 15.56 14.78 44.57
N LYS D 111 15.77 13.93 43.57
CA LYS D 111 16.94 13.06 43.53
C LYS D 111 18.10 13.69 42.74
N TYR D 112 17.81 14.22 41.55
CA TYR D 112 18.83 14.79 40.67
C TYR D 112 18.88 16.31 40.69
N GLY D 113 17.98 16.96 41.40
CA GLY D 113 18.01 18.41 41.49
C GLY D 113 17.09 19.06 40.48
N ASP D 114 16.56 20.23 40.86
CA ASP D 114 15.64 20.96 39.98
C ASP D 114 16.29 21.32 38.66
N GLU D 115 17.61 21.54 38.64
CA GLU D 115 18.28 22.02 37.43
C GLU D 115 18.47 20.91 36.41
N GLN D 116 18.94 19.74 36.84
CA GLN D 116 19.12 18.63 35.90
C GLN D 116 17.81 18.19 35.28
N VAL D 117 16.72 18.25 36.05
CA VAL D 117 15.40 17.89 35.52
C VAL D 117 14.94 18.92 34.49
N ARG D 118 15.17 20.20 34.76
CA ARG D 118 14.81 21.25 33.81
C ARG D 118 15.53 21.05 32.49
N ILE D 119 16.79 20.63 32.54
CA ILE D 119 17.54 20.35 31.31
C ILE D 119 16.88 19.25 30.51
N TRP D 120 16.61 18.11 31.15
CA TRP D 120 16.01 16.97 30.46
C TRP D 120 14.69 17.33 29.80
N ARG D 121 13.90 18.18 30.45
CA ARG D 121 12.58 18.52 29.91
C ARG D 121 12.62 19.69 28.93
N ARG D 122 13.60 20.59 29.05
CA ARG D 122 13.57 21.84 28.29
C ARG D 122 14.75 22.03 27.35
N SER D 123 15.71 21.11 27.30
CA SER D 123 16.83 21.23 26.38
C SER D 123 16.51 20.51 25.07
N TYR D 124 16.79 21.19 23.95
CA TYR D 124 16.44 20.66 22.64
C TYR D 124 17.24 19.41 22.30
N ASP D 125 18.52 19.38 22.67
CA ASP D 125 19.45 18.36 22.19
C ASP D 125 20.20 17.69 23.33
N THR D 126 19.64 17.67 24.54
CA THR D 126 20.20 16.91 25.65
C THR D 126 19.42 15.61 25.79
N LEU D 127 20.10 14.49 25.58
CA LEU D 127 19.46 13.20 25.74
C LEU D 127 19.20 12.91 27.22
N PRO D 128 18.10 12.23 27.52
CA PRO D 128 17.87 11.74 28.87
C PRO D 128 18.79 10.57 29.17
N PRO D 129 18.86 10.13 30.44
CA PRO D 129 19.55 8.87 30.73
C PRO D 129 18.91 7.73 29.94
N LEU D 130 19.75 6.92 29.29
CA LEU D 130 19.21 5.95 28.35
C LEU D 130 18.72 4.72 29.09
N LEU D 131 17.68 4.09 28.54
CA LEU D 131 17.10 2.88 29.11
C LEU D 131 17.85 1.65 28.60
N ASP D 132 18.23 0.75 29.52
CA ASP D 132 18.90 -0.50 29.16
C ASP D 132 18.09 -1.25 28.11
N LYS D 133 18.80 -1.80 27.13
CA LYS D 133 18.17 -2.33 25.93
C LYS D 133 17.32 -3.57 26.21
N ASP D 134 17.62 -4.31 27.28
CA ASP D 134 16.79 -5.46 27.65
C ASP D 134 16.10 -5.26 28.99
N ASP D 135 15.89 -4.01 29.40
CA ASP D 135 14.99 -3.73 30.50
C ASP D 135 13.61 -4.32 30.22
N ALA D 136 12.94 -4.76 31.28
CA ALA D 136 11.60 -5.31 31.10
C ALA D 136 10.66 -4.31 30.42
N PHE D 137 10.87 -3.02 30.62
CA PHE D 137 10.01 -2.02 29.99
C PHE D 137 10.72 -1.28 28.86
N SER D 138 11.71 -1.93 28.24
CA SER D 138 12.31 -1.43 27.02
C SER D 138 11.37 -1.63 25.84
N ALA D 139 11.36 -0.65 24.92
CA ALA D 139 10.53 -0.80 23.74
C ALA D 139 10.97 -1.96 22.86
N HIS D 140 12.22 -2.42 23.00
CA HIS D 140 12.69 -3.55 22.20
C HIS D 140 11.91 -4.82 22.49
N LYS D 141 11.26 -4.92 23.64
CA LYS D 141 10.48 -6.09 23.99
C LYS D 141 9.01 -5.96 23.60
N ASP D 142 8.63 -4.84 23.00
CA ASP D 142 7.23 -4.58 22.69
C ASP D 142 6.93 -5.08 21.28
N ARG D 143 5.96 -5.98 21.17
CA ARG D 143 5.60 -6.63 19.91
C ARG D 143 5.24 -5.64 18.81
N ARG D 144 4.84 -4.42 19.14
CA ARG D 144 4.43 -3.52 18.07
C ARG D 144 5.61 -2.97 17.28
N TYR D 145 6.84 -3.19 17.73
CA TYR D 145 8.03 -2.81 16.96
C TYR D 145 8.74 -4.02 16.37
N ALA D 146 8.14 -5.21 16.45
CA ALA D 146 8.81 -6.45 16.06
C ALA D 146 9.21 -6.48 14.60
N HIS D 147 8.49 -5.76 13.75
CA HIS D 147 8.72 -5.76 12.31
C HIS D 147 9.73 -4.70 11.88
N LEU D 148 10.34 -4.03 12.82
CA LEU D 148 11.31 -2.97 12.56
C LEU D 148 12.71 -3.42 12.95
N PRO D 149 13.73 -2.98 12.22
CA PRO D 149 15.10 -3.26 12.68
C PRO D 149 15.27 -2.70 14.08
N ALA D 150 16.02 -3.43 14.91
CA ALA D 150 16.07 -3.10 16.32
C ALA D 150 16.68 -1.72 16.56
N ASP D 151 17.58 -1.27 15.69
CA ASP D 151 18.29 -0.03 15.95
C ASP D 151 17.48 1.23 15.64
N VAL D 152 16.25 1.10 15.12
CA VAL D 152 15.40 2.28 15.05
C VAL D 152 14.52 2.42 16.29
N VAL D 153 14.49 1.40 17.13
CA VAL D 153 13.80 1.46 18.42
C VAL D 153 14.72 2.16 19.42
N PRO D 154 14.37 3.36 19.87
CA PRO D 154 15.32 4.16 20.65
C PRO D 154 15.36 3.70 22.10
N ASP D 155 16.48 4.04 22.74
CA ASP D 155 16.64 3.86 24.18
C ASP D 155 16.51 5.17 24.93
N GLY D 156 16.27 6.25 24.22
CA GLY D 156 16.05 7.58 24.77
C GLY D 156 16.19 8.62 23.68
N GLU D 157 15.38 9.68 23.75
CA GLU D 157 15.38 10.72 22.73
C GLU D 157 15.26 12.09 23.37
N ASN D 158 15.71 13.09 22.65
CA ASN D 158 15.37 14.49 22.85
C ASN D 158 14.49 14.95 21.68
N LEU D 159 14.16 16.24 21.67
CA LEU D 159 13.30 16.72 20.59
C LEU D 159 14.02 16.72 19.25
N LYS D 160 15.34 16.97 19.25
CA LYS D 160 16.09 16.97 18.00
C LYS D 160 16.06 15.60 17.33
N VAL D 161 16.40 14.55 18.09
CA VAL D 161 16.37 13.19 17.55
CA VAL D 161 16.37 13.22 17.48
C VAL D 161 14.94 12.78 17.25
N THR D 162 13.98 13.26 18.04
CA THR D 162 12.58 12.99 17.72
C THR D 162 12.23 13.55 16.36
N LEU D 163 12.69 14.78 16.07
CA LEU D 163 12.42 15.38 14.76
C LEU D 163 13.04 14.57 13.64
N GLU D 164 14.26 14.07 13.86
CA GLU D 164 14.95 13.34 12.80
C GLU D 164 14.21 12.08 12.38
N ARG D 165 13.40 11.50 13.27
CA ARG D 165 12.61 10.34 12.85
C ARG D 165 11.15 10.67 12.56
N VAL D 166 10.66 11.85 12.95
CA VAL D 166 9.35 12.30 12.49
C VAL D 166 9.42 12.76 11.04
N LEU D 167 10.47 13.51 10.70
CA LEU D 167 10.54 14.16 9.40
C LEU D 167 10.39 13.19 8.22
N PRO D 168 11.01 12.01 8.21
CA PRO D 168 10.79 11.13 7.05
C PRO D 168 9.33 10.78 6.83
N PHE D 169 8.51 10.73 7.90
CA PHE D 169 7.10 10.41 7.71
C PHE D 169 6.34 11.60 7.12
N TRP D 170 6.75 12.84 7.44
CA TRP D 170 6.25 14.00 6.72
C TRP D 170 6.58 13.91 5.23
N GLU D 171 7.83 13.54 4.93
CA GLU D 171 8.30 13.53 3.54
C GLU D 171 7.69 12.38 2.72
N ASP D 172 7.43 11.24 3.35
CA ASP D 172 6.96 10.08 2.61
C ASP D 172 5.44 9.93 2.61
N GLN D 173 4.74 10.39 3.64
CA GLN D 173 3.31 10.10 3.76
CA GLN D 173 3.31 10.10 3.78
C GLN D 173 2.47 11.36 3.91
N ILE D 174 2.80 12.24 4.85
CA ILE D 174 1.91 13.36 5.15
C ILE D 174 1.92 14.40 4.03
N ALA D 175 3.10 14.89 3.67
CA ALA D 175 3.17 15.88 2.61
C ALA D 175 2.69 15.34 1.27
N PRO D 176 3.03 14.11 0.86
CA PRO D 176 2.46 13.61 -0.40
C PRO D 176 0.94 13.54 -0.38
N ALA D 177 0.34 13.19 0.76
CA ALA D 177 -1.12 13.18 0.87
C ALA D 177 -1.68 14.57 0.63
N ILE D 178 -1.10 15.59 1.27
CA ILE D 178 -1.56 16.97 1.08
C ILE D 178 -1.42 17.38 -0.39
N LEU D 179 -0.27 17.06 -0.99
CA LEU D 179 -0.04 17.47 -2.37
C LEU D 179 -0.96 16.74 -3.34
N SER D 180 -1.49 15.58 -2.95
CA SER D 180 -2.46 14.87 -3.79
CA SER D 180 -2.46 14.87 -3.79
C SER D 180 -3.88 15.40 -3.61
N GLY D 181 -4.09 16.34 -2.69
CA GLY D 181 -5.40 16.90 -2.43
C GLY D 181 -6.14 16.32 -1.24
N LYS D 182 -5.50 15.48 -0.44
CA LYS D 182 -6.16 14.84 0.68
C LYS D 182 -6.20 15.76 1.90
N ARG D 183 -7.33 15.73 2.60
CA ARG D 183 -7.53 16.48 3.83
C ARG D 183 -7.04 15.60 4.98
N VAL D 184 -5.95 16.02 5.62
CA VAL D 184 -5.21 15.19 6.55
C VAL D 184 -5.54 15.60 7.99
N LEU D 185 -5.78 14.59 8.83
CA LEU D 185 -5.75 14.75 10.29
C LEU D 185 -4.52 14.05 10.85
N VAL D 186 -3.78 14.73 11.72
CA VAL D 186 -2.68 14.10 12.45
C VAL D 186 -3.03 14.14 13.94
N ALA D 187 -3.18 12.95 14.55
CA ALA D 187 -3.50 12.83 15.97
C ALA D 187 -2.29 12.21 16.68
N ALA D 188 -1.55 13.02 17.44
CA ALA D 188 -0.30 12.52 18.01
C ALA D 188 0.01 13.11 19.38
N HIS D 189 1.30 13.40 19.63
CA HIS D 189 1.80 13.70 20.97
C HIS D 189 2.47 15.07 21.00
N GLY D 190 2.67 15.57 22.21
CA GLY D 190 3.34 16.85 22.40
C GLY D 190 4.58 17.05 21.55
N ASN D 191 5.56 16.15 21.67
CA ASN D 191 6.83 16.42 21.01
C ASN D 191 6.82 16.05 19.52
N SER D 192 6.07 15.01 19.12
CA SER D 192 6.05 14.68 17.70
C SER D 192 5.31 15.76 16.90
N LEU D 193 4.21 16.30 17.45
CA LEU D 193 3.57 17.44 16.80
C LEU D 193 4.44 18.68 16.85
N ARG D 194 5.16 18.88 17.97
CA ARG D 194 6.07 20.03 18.05
C ARG D 194 7.15 19.92 16.99
N ALA D 195 7.62 18.69 16.72
CA ALA D 195 8.61 18.47 15.66
C ALA D 195 8.06 18.86 14.30
N LEU D 196 6.84 18.40 13.98
CA LEU D 196 6.20 18.77 12.72
C LEU D 196 6.03 20.27 12.60
N ALA D 197 5.57 20.92 13.67
CA ALA D 197 5.39 22.37 13.64
C ALA D 197 6.72 23.09 13.40
N LYS D 198 7.80 22.63 14.03
CA LYS D 198 9.11 23.27 13.81
C LYS D 198 9.46 23.27 12.34
N HIS D 199 9.26 22.13 11.67
CA HIS D 199 9.59 22.03 10.25
C HIS D 199 8.64 22.86 9.41
N ILE D 200 7.34 22.66 9.60
CA ILE D 200 6.36 23.34 8.76
C ILE D 200 6.50 24.84 8.88
N GLU D 201 6.69 25.34 10.11
CA GLU D 201 6.73 26.78 10.34
C GLU D 201 8.14 27.35 10.33
N GLY D 202 9.16 26.53 10.13
CA GLY D 202 10.53 27.01 10.12
C GLY D 202 10.94 27.70 11.40
N ILE D 203 10.71 27.03 12.53
CA ILE D 203 11.04 27.60 13.84
C ILE D 203 12.47 27.20 14.20
N SER D 204 13.20 28.13 14.79
CA SER D 204 14.61 27.89 15.07
C SER D 204 14.77 26.91 16.22
N ASP D 205 15.98 26.34 16.33
CA ASP D 205 16.29 25.50 17.47
C ASP D 205 16.17 26.28 18.77
N GLU D 206 16.53 27.56 18.73
CA GLU D 206 16.49 28.40 19.93
C GLU D 206 15.07 28.62 20.42
N ASP D 207 14.09 28.62 19.52
CA ASP D 207 12.72 29.00 19.87
C ASP D 207 11.78 27.83 20.07
N ILE D 208 12.12 26.63 19.60
CA ILE D 208 11.10 25.59 19.43
C ILE D 208 10.67 25.00 20.78
N MET D 209 11.60 24.87 21.73
CA MET D 209 11.24 24.26 23.01
C MET D 209 10.15 25.03 23.73
N GLY D 210 10.01 26.33 23.43
CA GLY D 210 8.99 27.16 24.00
C GLY D 210 7.68 27.19 23.26
N LEU D 211 7.56 26.47 22.14
CA LEU D 211 6.30 26.46 21.39
C LEU D 211 5.26 25.63 22.13
N GLU D 212 4.10 26.24 22.40
CA GLU D 212 3.02 25.57 23.10
C GLU D 212 2.10 24.89 22.11
N ILE D 213 1.74 23.65 22.39
CA ILE D 213 0.70 22.96 21.64
C ILE D 213 -0.32 22.44 22.66
N PRO D 214 -1.46 23.09 22.80
CA PRO D 214 -2.40 22.68 23.85
C PRO D 214 -3.02 21.32 23.56
N THR D 215 -3.34 20.61 24.63
CA THR D 215 -4.04 19.33 24.49
C THR D 215 -5.51 19.57 24.16
N GLY D 216 -6.04 18.72 23.29
CA GLY D 216 -7.47 18.69 23.03
C GLY D 216 -8.01 19.84 22.23
N GLN D 217 -7.16 20.59 21.54
CA GLN D 217 -7.60 21.74 20.75
CA GLN D 217 -7.59 21.75 20.76
C GLN D 217 -7.13 21.60 19.31
N PRO D 218 -8.04 21.41 18.36
CA PRO D 218 -7.64 21.26 16.96
C PRO D 218 -6.87 22.47 16.45
N LEU D 219 -5.70 22.21 15.88
CA LEU D 219 -4.85 23.22 15.28
C LEU D 219 -4.94 23.11 13.77
N VAL D 220 -5.21 24.23 13.10
CA VAL D 220 -5.42 24.25 11.66
C VAL D 220 -4.30 25.05 11.01
N TYR D 221 -3.68 24.47 9.99
CA TYR D 221 -2.78 25.15 9.07
C TYR D 221 -3.45 25.26 7.71
N LYS D 222 -3.36 26.44 7.09
CA LYS D 222 -3.71 26.60 5.69
C LYS D 222 -2.43 26.77 4.90
N LEU D 223 -2.21 25.88 3.93
CA LEU D 223 -0.96 25.80 3.18
C LEU D 223 -1.19 26.11 1.72
N ASP D 224 -0.18 26.70 1.07
CA ASP D 224 -0.28 26.98 -0.36
C ASP D 224 0.25 25.79 -1.15
N ASP D 225 0.24 25.93 -2.48
CA ASP D 225 0.62 24.81 -3.35
C ASP D 225 2.04 24.31 -3.11
N ASN D 226 2.89 25.09 -2.45
CA ASN D 226 4.22 24.64 -2.06
C ASN D 226 4.30 24.31 -0.57
N LEU D 227 3.15 24.07 0.07
CA LEU D 227 3.07 23.69 1.48
C LEU D 227 3.60 24.76 2.42
N LYS D 228 3.72 26.00 1.94
CA LYS D 228 4.06 27.11 2.81
C LYS D 228 2.85 27.52 3.64
N VAL D 229 3.08 27.90 4.89
CA VAL D 229 1.98 28.28 5.78
C VAL D 229 1.41 29.62 5.36
N ILE D 230 0.10 29.65 5.06
CA ILE D 230 -0.63 30.88 4.84
C ILE D 230 -1.39 31.32 6.08
N GLU D 231 -2.01 30.37 6.78
CA GLU D 231 -2.78 30.65 7.98
C GLU D 231 -2.48 29.59 9.02
N LYS D 232 -2.49 30.00 10.28
CA LYS D 232 -2.39 29.06 11.40
C LYS D 232 -3.32 29.54 12.49
N PHE D 233 -4.26 28.68 12.90
CA PHE D 233 -5.19 29.09 13.94
C PHE D 233 -5.73 27.86 14.65
N TYR D 234 -6.04 28.04 15.93
CA TYR D 234 -6.65 26.99 16.74
C TYR D 234 -8.16 27.07 16.62
N LEU D 235 -8.79 25.91 16.48
CA LEU D 235 -10.22 25.86 16.21
C LEU D 235 -11.03 26.22 17.47
O1 TLA E . 28.45 10.87 -13.15
O11 TLA E . 27.10 10.69 -11.38
C1 TLA E . 28.05 10.29 -12.11
C2 TLA E . 28.77 9.05 -11.68
O2 TLA E . 29.78 8.70 -12.64
C3 TLA E . 27.75 7.92 -11.51
O3 TLA E . 27.19 7.49 -12.77
C4 TLA E . 28.41 6.80 -10.74
O4 TLA E . 28.42 5.64 -11.20
O41 TLA E . 28.93 7.09 -9.64
O1 TLA F . -3.45 -17.83 -27.42
O11 TLA F . -4.22 -17.35 -25.41
C1 TLA F . -4.13 -17.13 -26.64
C2 TLA F . -4.88 -15.96 -27.17
O2 TLA F . -6.13 -15.85 -26.47
C3 TLA F . -5.16 -16.20 -28.66
O3 TLA F . -5.62 -17.54 -28.87
C4 TLA F . -6.19 -15.20 -29.11
O4 TLA F . -7.39 -15.54 -29.16
O41 TLA F . -5.80 -14.06 -29.42
O1 TLA G . -29.60 -5.12 8.28
O1 TLA G . -29.33 -4.80 8.45
O11 TLA G . -31.53 -5.47 9.28
O11 TLA G . -31.11 -4.66 9.75
C1 TLA G . -30.39 -5.85 8.92
C1 TLA G . -30.10 -5.27 9.32
C2 TLA G . -29.95 -7.24 9.28
C2 TLA G . -29.81 -6.64 9.88
O2 TLA G . -29.69 -7.98 8.07
O2 TLA G . -30.91 -7.08 10.68
C3 TLA G . -31.01 -7.95 10.12
C3 TLA G . -28.55 -6.61 10.72
O3 TLA G . -31.62 -6.98 10.99
O3 TLA G . -28.47 -5.44 11.54
C4 TLA G . -32.06 -8.61 9.27
C4 TLA G . -28.54 -7.83 11.59
O4 TLA G . -31.70 -9.35 8.33
O4 TLA G . -27.68 -7.92 12.49
O41 TLA G . -33.26 -8.41 9.54
O41 TLA G . -29.39 -8.73 11.37
O1 TLA H . 6.37 11.93 28.06
O11 TLA H . 5.89 12.23 30.19
C1 TLA H . 5.88 12.61 28.99
C2 TLA H . 5.23 13.93 28.66
O2 TLA H . 5.79 14.46 27.45
C3 TLA H . 5.49 14.91 29.80
O3 TLA H . 6.83 14.75 30.29
C4 TLA H . 5.31 16.31 29.30
O4 TLA H . 4.29 16.57 28.62
O41 TLA H . 6.17 17.16 29.59
#